data_4NZ5
#
_entry.id   4NZ5
#
_cell.length_a   61.664
_cell.length_b   112.525
_cell.length_c   69.815
_cell.angle_alpha   90.00
_cell.angle_beta   94.35
_cell.angle_gamma   90.00
#
_symmetry.space_group_name_H-M   'P 1 21 1'
#
loop_
_entity.id
_entity.type
_entity.pdbx_description
1 polymer 'Deacetylase DA1'
2 non-polymer 'SODIUM ION'
3 non-polymer 'CADMIUM ION'
4 non-polymer 'ACETATE ION'
5 non-polymer 2-acetamido-2-deoxy-alpha-D-glucopyranose
6 non-polymer GLYCEROL
7 water water
#
_entity_poly.entity_id   1
_entity_poly.type   'polypeptide(L)'
_entity_poly.pdbx_seq_one_letter_code
;MNSTPKGTIYLTFDDGPVNASVEVIKVLNQGGVKATFYFNAWHLDGIGDENEDRALEALKLALDSGHIVGNHSYDHMIHN
CVEEFGPTSGADCNATGNHQIHSYQDPVRDAASFEQNLITLEKYLPTIRSYPNYKGYELARLPYTNGWRVTKHFQADGLC
ATSDNLKPWEPGYVCDPANPSNSVKASIQVQNILANQGYQTHGWDVDWAPENWGIPMPANSLTEAVPFLAYVDKALNSCS
PTTIEPINSKTQEFPCGTPLHADKVIVLTHDFLFEDGKRGMGATQNLPKLAEFIRIAKEAGYVFDTMDNYTPRWSVGKTY
QAGEYVLYQGVVYKAVISHTAQQDWAPSSTSSLWTNADPATNWTLNVSYEQGDIVNYKGKRYLVSVPHVSQQDWTPDTQN
TLFTALELRRQWSHPQFEK
;
_entity_poly.pdbx_strand_id   A,B
#
# COMPACT_ATOMS: atom_id res chain seq x y z
C THR A 4 11.18 7.90 35.05
N PRO A 5 10.62 7.90 33.84
CA PRO A 5 9.92 9.05 33.27
C PRO A 5 8.51 9.16 33.81
N LYS A 6 8.06 10.38 34.11
CA LYS A 6 6.71 10.57 34.61
C LYS A 6 5.70 10.43 33.47
N GLY A 7 6.19 10.47 32.24
CA GLY A 7 5.32 10.30 31.09
C GLY A 7 6.04 10.43 29.76
N THR A 8 5.30 10.15 28.69
CA THR A 8 5.81 10.30 27.33
C THR A 8 4.93 11.27 26.55
N ILE A 9 5.57 12.23 25.91
CA ILE A 9 4.91 13.22 25.09
C ILE A 9 5.21 12.90 23.63
N TYR A 10 4.17 12.96 22.80
CA TYR A 10 4.30 12.77 21.38
C TYR A 10 3.97 14.08 20.69
N LEU A 11 5.00 14.78 20.24
CA LEU A 11 4.82 16.01 19.50
C LEU A 11 4.40 15.65 18.09
N THR A 12 3.23 16.12 17.68
CA THR A 12 2.74 15.87 16.33
C THR A 12 2.36 17.17 15.61
N PHE A 13 2.94 17.38 14.43
CA PHE A 13 2.77 18.60 13.65
C PHE A 13 1.96 18.30 12.41
N ASP A 14 0.89 19.05 12.16
CA ASP A 14 0.01 18.81 11.01
C ASP A 14 0.10 19.89 9.93
N ASP A 15 -0.11 19.49 8.68
CA ASP A 15 -0.35 20.39 7.54
C ASP A 15 0.88 20.80 6.74
N GLY A 16 2.07 20.37 7.15
CA GLY A 16 3.24 20.54 6.33
C GLY A 16 3.18 19.59 5.13
N PRO A 17 4.24 19.55 4.32
CA PRO A 17 5.47 20.34 4.47
C PRO A 17 5.34 21.73 3.87
N VAL A 18 5.65 22.76 4.64
CA VAL A 18 5.65 24.14 4.17
C VAL A 18 6.96 24.81 4.58
N ASN A 19 7.19 26.05 4.15
CA ASN A 19 8.42 26.76 4.50
C ASN A 19 8.64 26.76 6.01
N ALA A 20 7.55 27.00 6.74
CA ALA A 20 7.57 27.08 8.20
C ALA A 20 8.12 25.83 8.87
N SER A 21 8.00 24.67 8.21
CA SER A 21 8.47 23.40 8.75
C SER A 21 9.98 23.36 8.97
N VAL A 22 10.71 24.10 8.15
CA VAL A 22 12.17 24.02 8.22
C VAL A 22 12.67 24.42 9.61
N GLU A 23 12.27 25.58 10.08
CA GLU A 23 12.77 26.08 11.36
C GLU A 23 12.23 25.25 12.51
N VAL A 24 11.00 24.75 12.37
CA VAL A 24 10.44 23.85 13.37
C VAL A 24 11.33 22.62 13.54
N ILE A 25 11.70 22.00 12.42
CA ILE A 25 12.55 20.81 12.45
C ILE A 25 13.88 21.11 13.12
N LYS A 26 14.47 22.25 12.82
CA LYS A 26 15.75 22.60 13.41
C LYS A 26 15.63 22.78 14.93
N VAL A 27 14.53 23.36 15.39
CA VAL A 27 14.32 23.50 16.83
C VAL A 27 14.19 22.11 17.51
N LEU A 28 13.44 21.20 16.88
CA LEU A 28 13.34 19.83 17.38
C LEU A 28 14.73 19.18 17.47
N ASN A 29 15.53 19.36 16.42
CA ASN A 29 16.86 18.75 16.36
C ASN A 29 17.80 19.29 17.43
N GLN A 30 17.75 20.60 17.64
CA GLN A 30 18.52 21.24 18.70
C GLN A 30 18.07 20.79 20.08
N GLY A 31 16.79 20.46 20.21
CA GLY A 31 16.24 20.02 21.49
C GLY A 31 16.47 18.55 21.76
N GLY A 32 17.02 17.83 20.78
CA GLY A 32 17.30 16.42 20.94
C GLY A 32 16.04 15.59 21.02
N VAL A 33 15.03 15.95 20.23
CA VAL A 33 13.80 15.16 20.19
C VAL A 33 13.36 14.87 18.77
N LYS A 34 12.60 13.79 18.64
CA LYS A 34 11.97 13.40 17.38
C LYS A 34 10.48 13.66 17.51
N ALA A 35 9.85 14.02 16.39
CA ALA A 35 8.43 14.29 16.35
C ALA A 35 7.85 13.57 15.16
N THR A 36 6.53 13.65 15.02
CA THR A 36 5.80 13.03 13.93
C THR A 36 5.11 14.15 13.18
N PHE A 37 5.25 14.17 11.86
CA PHE A 37 4.66 15.16 10.97
C PHE A 37 3.59 14.48 10.12
N TYR A 38 2.36 14.91 10.25
CA TYR A 38 1.28 14.43 9.40
C TYR A 38 1.10 15.41 8.25
N PHE A 39 1.53 14.96 7.07
CA PHE A 39 1.70 15.85 5.92
C PHE A 39 0.57 15.79 4.89
N ASN A 40 0.36 16.94 4.23
CA ASN A 40 -0.49 17.07 3.04
C ASN A 40 0.37 17.40 1.84
N ALA A 41 0.44 16.51 0.87
CA ALA A 41 1.41 16.68 -0.21
C ALA A 41 0.99 17.73 -1.22
N TRP A 42 -0.21 18.29 -1.10
CA TRP A 42 -0.59 19.32 -2.08
C TRP A 42 0.37 20.51 -2.02
N HIS A 43 1.02 20.69 -0.87
CA HIS A 43 1.99 21.79 -0.74
C HIS A 43 3.17 21.59 -1.69
N LEU A 44 3.50 20.35 -2.00
CA LEU A 44 4.57 20.05 -2.95
C LEU A 44 4.19 20.48 -4.36
N ASP A 45 2.90 20.52 -4.66
CA ASP A 45 2.42 20.95 -5.97
C ASP A 45 2.25 22.46 -6.04
N GLY A 46 2.44 23.12 -4.90
CA GLY A 46 2.36 24.57 -4.85
C GLY A 46 0.94 25.13 -4.92
N ILE A 47 -0.05 24.38 -4.47
CA ILE A 47 -1.45 24.83 -4.53
C ILE A 47 -2.17 24.84 -3.17
N GLY A 48 -1.40 24.78 -2.10
CA GLY A 48 -1.96 24.72 -0.75
C GLY A 48 -2.14 26.05 -0.04
N ASP A 49 -1.94 27.15 -0.77
CA ASP A 49 -2.14 28.51 -0.28
C ASP A 49 -1.31 28.82 0.97
N GLU A 50 -0.05 28.38 0.96
CA GLU A 50 0.90 28.76 2.00
C GLU A 50 2.22 29.11 1.32
N ASN A 51 3.15 29.65 2.11
CA ASN A 51 4.53 29.78 1.66
C ASN A 51 5.10 28.39 1.62
N GLU A 52 5.27 27.84 0.42
CA GLU A 52 5.58 26.42 0.28
C GLU A 52 6.60 26.11 -0.81
N ASP A 53 7.36 27.11 -1.22
CA ASP A 53 8.38 26.90 -2.23
C ASP A 53 9.52 26.00 -1.71
N ARG A 54 9.66 25.92 -0.39
CA ARG A 54 10.66 25.05 0.23
C ARG A 54 10.02 23.75 0.76
N ALA A 55 8.84 23.40 0.24
CA ALA A 55 8.12 22.22 0.71
C ALA A 55 8.95 20.94 0.60
N LEU A 56 9.52 20.73 -0.58
CA LEU A 56 10.34 19.54 -0.82
C LEU A 56 11.59 19.55 0.06
N GLU A 57 12.23 20.71 0.18
CA GLU A 57 13.38 20.85 1.07
C GLU A 57 12.99 20.45 2.51
N ALA A 58 11.81 20.87 2.94
CA ALA A 58 11.33 20.60 4.30
C ALA A 58 11.06 19.10 4.50
N LEU A 59 10.50 18.46 3.49
CA LEU A 59 10.21 17.03 3.55
C LEU A 59 11.50 16.23 3.69
N LYS A 60 12.49 16.60 2.89
CA LYS A 60 13.80 15.97 2.94
C LYS A 60 14.42 16.22 4.29
N LEU A 61 14.25 17.41 4.84
CA LEU A 61 14.92 17.73 6.10
C LEU A 61 14.30 16.94 7.24
N ALA A 62 12.99 16.78 7.21
CA ALA A 62 12.30 16.06 8.27
C ALA A 62 12.78 14.62 8.25
N LEU A 63 12.85 14.04 7.06
CA LEU A 63 13.23 12.63 6.93
C LEU A 63 14.70 12.36 7.25
N ASP A 64 15.57 13.25 6.80
CA ASP A 64 17.01 13.10 7.02
C ASP A 64 17.31 13.27 8.51
N SER A 65 16.47 14.06 9.18
CA SER A 65 16.63 14.32 10.60
C SER A 65 16.06 13.20 11.49
N GLY A 66 15.40 12.22 10.88
CA GLY A 66 14.86 11.09 11.63
C GLY A 66 13.45 11.26 12.16
N HIS A 67 12.76 12.33 11.79
CA HIS A 67 11.38 12.50 12.23
C HIS A 67 10.46 11.60 11.43
N ILE A 68 9.33 11.22 12.02
CA ILE A 68 8.41 10.29 11.37
C ILE A 68 7.43 11.04 10.48
N VAL A 69 7.25 10.57 9.25
CA VAL A 69 6.27 11.18 8.36
C VAL A 69 5.04 10.26 8.23
N GLY A 70 3.87 10.83 8.44
CA GLY A 70 2.61 10.11 8.41
C GLY A 70 1.68 10.84 7.47
N ASN A 71 0.48 10.31 7.31
CA ASN A 71 -0.41 10.67 6.21
C ASN A 71 -1.60 11.49 6.67
N HIS A 72 -1.72 12.73 6.19
CA HIS A 72 -2.83 13.61 6.57
C HIS A 72 -3.83 13.83 5.41
N SER A 73 -3.64 13.07 4.33
CA SER A 73 -4.37 13.20 3.06
C SER A 73 -3.69 14.17 2.11
N TYR A 74 -3.93 14.01 0.82
CA TYR A 74 -3.27 14.86 -0.19
C TYR A 74 -3.64 16.34 -0.08
N ASP A 75 -4.94 16.64 0.04
CA ASP A 75 -5.39 18.03 -0.04
C ASP A 75 -6.15 18.50 1.20
N HIS A 76 -6.07 17.74 2.29
CA HIS A 76 -6.74 18.13 3.52
C HIS A 76 -8.26 18.27 3.31
N MET A 77 -8.79 17.47 2.38
CA MET A 77 -10.23 17.44 2.08
C MET A 77 -10.75 18.75 1.50
N ILE A 78 -9.87 19.59 0.97
CA ILE A 78 -10.31 20.88 0.44
C ILE A 78 -11.21 20.65 -0.79
N HIS A 79 -11.08 19.48 -1.42
CA HIS A 79 -11.97 19.18 -2.55
C HIS A 79 -13.44 19.15 -2.11
N ASN A 80 -13.68 19.04 -0.81
CA ASN A 80 -15.05 19.06 -0.27
C ASN A 80 -15.47 20.43 0.24
N CYS A 81 -14.58 21.42 0.09
CA CYS A 81 -14.85 22.78 0.51
C CYS A 81 -15.25 23.64 -0.67
N VAL A 82 -15.06 23.10 -1.87
CA VAL A 82 -15.28 23.86 -3.10
C VAL A 82 -16.07 23.03 -4.13
N GLU A 83 -16.39 23.65 -5.25
CA GLU A 83 -17.21 23.02 -6.28
C GLU A 83 -16.40 22.13 -7.21
N GLU A 84 -15.32 22.67 -7.74
CA GLU A 84 -14.40 21.92 -8.59
C GLU A 84 -12.98 22.13 -8.09
N PHE A 85 -12.31 21.03 -7.72
CA PHE A 85 -10.98 21.15 -7.15
C PHE A 85 -9.97 21.56 -8.21
N GLY A 86 -9.13 22.52 -7.86
CA GLY A 86 -8.09 22.99 -8.75
C GLY A 86 -7.03 23.75 -7.97
N PRO A 87 -6.10 24.36 -8.69
CA PRO A 87 -4.95 25.05 -8.08
C PRO A 87 -5.32 26.25 -7.19
N THR A 88 -6.53 26.78 -7.29
CA THR A 88 -6.94 27.92 -6.47
C THR A 88 -7.83 27.51 -5.31
N SER A 89 -8.11 26.22 -5.18
CA SER A 89 -9.10 25.76 -4.22
C SER A 89 -8.70 26.04 -2.76
N GLY A 90 -7.41 26.00 -2.46
CA GLY A 90 -6.96 26.29 -1.11
C GLY A 90 -7.23 27.74 -0.72
N ALA A 91 -6.98 28.64 -1.67
CA ALA A 91 -7.22 30.05 -1.45
C ALA A 91 -8.73 30.31 -1.29
N ASP A 92 -9.53 29.65 -2.11
CA ASP A 92 -10.98 29.84 -2.06
C ASP A 92 -11.56 29.40 -0.74
N CYS A 93 -11.13 28.23 -0.26
CA CYS A 93 -11.64 27.71 0.99
C CYS A 93 -11.15 28.57 2.13
N ASN A 94 -9.95 29.13 1.98
CA ASN A 94 -9.43 30.06 2.98
C ASN A 94 -10.22 31.37 2.97
N ALA A 95 -10.73 31.75 1.81
CA ALA A 95 -11.50 32.97 1.68
C ALA A 95 -12.82 32.81 2.42
N THR A 96 -13.48 31.67 2.21
CA THR A 96 -14.77 31.40 2.84
C THR A 96 -14.63 30.89 4.28
N GLY A 97 -13.55 30.18 4.56
CA GLY A 97 -13.37 29.56 5.86
C GLY A 97 -14.34 28.43 6.13
N ASN A 98 -14.75 27.71 5.08
CA ASN A 98 -15.71 26.62 5.20
C ASN A 98 -15.06 25.23 5.34
N HIS A 99 -13.84 25.20 5.87
CA HIS A 99 -13.09 23.94 6.00
C HIS A 99 -13.88 22.88 6.76
N GLN A 100 -14.53 23.30 7.85
CA GLN A 100 -15.19 22.37 8.74
C GLN A 100 -16.62 22.04 8.28
N ILE A 101 -17.01 22.56 7.12
CA ILE A 101 -18.37 22.35 6.61
C ILE A 101 -18.37 21.41 5.41
N HIS A 102 -19.09 20.30 5.54
CA HIS A 102 -19.14 19.30 4.48
C HIS A 102 -17.74 18.75 4.21
N SER A 103 -16.91 18.72 5.25
CA SER A 103 -15.52 18.32 5.12
C SER A 103 -15.36 16.93 4.51
N TYR A 104 -16.26 16.03 4.88
CA TYR A 104 -16.29 14.68 4.31
C TYR A 104 -17.65 14.41 3.65
N GLN A 105 -17.61 13.88 2.43
CA GLN A 105 -18.83 13.61 1.66
C GLN A 105 -18.86 12.17 1.17
N ASP A 106 -18.16 11.88 0.08
CA ASP A 106 -18.00 10.52 -0.41
C ASP A 106 -16.78 9.90 0.27
N PRO A 107 -17.02 8.98 1.24
CA PRO A 107 -15.89 8.43 2.01
C PRO A 107 -14.88 7.65 1.16
N VAL A 108 -15.30 7.14 0.01
CA VAL A 108 -14.39 6.40 -0.87
C VAL A 108 -13.42 7.36 -1.55
N ARG A 109 -13.95 8.46 -2.09
CA ARG A 109 -13.11 9.48 -2.68
C ARG A 109 -12.20 10.09 -1.63
N ASP A 110 -12.74 10.31 -0.44
CA ASP A 110 -11.97 10.99 0.60
C ASP A 110 -10.84 10.10 1.15
N ALA A 111 -11.09 8.80 1.25
CA ALA A 111 -10.06 7.85 1.69
C ALA A 111 -8.98 7.78 0.62
N ALA A 112 -9.43 7.81 -0.63
CA ALA A 112 -8.51 7.75 -1.75
C ALA A 112 -7.52 8.93 -1.72
N SER A 113 -7.88 10.00 -1.03
CA SER A 113 -6.98 11.14 -0.91
C SER A 113 -5.70 10.75 -0.17
N PHE A 114 -5.81 9.78 0.73
CA PHE A 114 -4.67 9.33 1.50
C PHE A 114 -3.73 8.53 0.62
N GLU A 115 -4.27 7.79 -0.34
CA GLU A 115 -3.43 7.04 -1.26
C GLU A 115 -2.78 7.97 -2.29
N GLN A 116 -3.52 8.99 -2.72
CA GLN A 116 -2.99 9.96 -3.64
C GLN A 116 -1.83 10.67 -2.95
N ASN A 117 -1.96 10.89 -1.65
CA ASN A 117 -0.88 11.49 -0.88
C ASN A 117 0.41 10.68 -1.01
N LEU A 118 0.30 9.35 -1.01
CA LEU A 118 1.46 8.48 -1.18
C LEU A 118 2.06 8.69 -2.57
N ILE A 119 1.21 8.70 -3.59
CA ILE A 119 1.69 8.93 -4.95
C ILE A 119 2.50 10.25 -5.07
N THR A 120 1.98 11.34 -4.54
CA THR A 120 2.64 12.64 -4.70
C THR A 120 3.94 12.68 -3.91
N LEU A 121 3.93 12.11 -2.71
CA LEU A 121 5.15 12.09 -1.90
C LEU A 121 6.23 11.32 -2.65
N GLU A 122 5.85 10.20 -3.24
CA GLU A 122 6.79 9.33 -3.92
C GLU A 122 7.14 9.85 -5.31
N LYS A 123 6.36 10.82 -5.78
CA LYS A 123 6.70 11.54 -7.01
C LYS A 123 7.82 12.56 -6.77
N TYR A 124 7.64 13.40 -5.76
CA TYR A 124 8.60 14.46 -5.48
C TYR A 124 9.87 13.97 -4.81
N LEU A 125 9.75 12.90 -4.04
CA LEU A 125 10.91 12.29 -3.40
C LEU A 125 10.87 10.81 -3.70
N PRO A 126 11.36 10.42 -4.90
CA PRO A 126 11.31 9.02 -5.35
C PRO A 126 12.02 8.03 -4.42
N THR A 127 12.93 8.53 -3.58
CA THR A 127 13.67 7.67 -2.67
C THR A 127 12.99 7.52 -1.30
N ILE A 128 11.81 8.11 -1.13
CA ILE A 128 11.19 8.20 0.18
C ILE A 128 11.01 6.84 0.88
N ARG A 129 10.71 5.79 0.13
CA ARG A 129 10.52 4.48 0.76
C ARG A 129 11.82 3.86 1.30
N SER A 130 12.96 4.44 0.96
CA SER A 130 14.24 3.98 1.50
C SER A 130 14.45 4.47 2.93
N TYR A 131 13.57 5.36 3.40
CA TYR A 131 13.61 5.86 4.78
C TYR A 131 12.74 5.01 5.71
N PRO A 132 13.35 4.40 6.74
CA PRO A 132 12.51 3.64 7.68
C PRO A 132 11.52 4.54 8.42
N ASN A 133 11.85 5.83 8.53
CA ASN A 133 10.96 6.77 9.22
C ASN A 133 9.83 7.32 8.35
N TYR A 134 9.82 6.96 7.08
CA TYR A 134 8.66 7.23 6.24
C TYR A 134 7.58 6.21 6.61
N LYS A 135 6.49 6.71 7.21
CA LYS A 135 5.39 5.85 7.65
C LYS A 135 4.06 6.28 7.01
N GLY A 136 4.14 6.86 5.83
CA GLY A 136 2.97 7.41 5.17
C GLY A 136 1.90 6.38 4.86
N TYR A 137 2.30 5.13 4.74
CA TYR A 137 1.38 4.05 4.35
C TYR A 137 0.92 3.25 5.58
N GLU A 138 1.32 3.69 6.78
CA GLU A 138 1.02 2.97 8.03
C GLU A 138 0.33 3.83 9.09
N LEU A 139 0.66 5.13 9.12
CA LEU A 139 0.16 6.04 10.14
C LEU A 139 -0.55 7.22 9.49
N ALA A 140 -1.77 7.48 9.93
CA ALA A 140 -2.57 8.55 9.37
C ALA A 140 -3.31 9.32 10.45
N ARG A 141 -3.79 10.51 10.10
CA ARG A 141 -4.66 11.28 10.96
C ARG A 141 -5.62 12.05 10.07
N LEU A 142 -6.90 12.01 10.40
CA LEU A 142 -7.89 12.67 9.58
C LEU A 142 -7.94 14.18 9.81
N PRO A 143 -8.01 14.95 8.73
CA PRO A 143 -8.22 16.40 8.87
C PRO A 143 -9.43 16.73 9.74
N TYR A 144 -9.25 17.67 10.66
CA TYR A 144 -10.33 18.21 11.50
C TYR A 144 -10.75 17.29 12.63
N THR A 145 -10.29 16.04 12.61
CA THR A 145 -10.98 15.01 13.39
C THR A 145 -10.14 14.30 14.44
N ASN A 146 -10.56 14.45 15.70
CA ASN A 146 -9.93 13.73 16.78
C ASN A 146 -10.48 12.31 16.83
N GLY A 147 -10.05 11.50 15.85
CA GLY A 147 -10.46 10.11 15.72
C GLY A 147 -9.30 9.14 15.83
N TRP A 148 -9.61 7.91 16.24
CA TRP A 148 -8.62 6.92 16.67
C TRP A 148 -8.98 5.53 16.12
N ARG A 149 -8.02 4.93 15.42
CA ARG A 149 -8.06 3.51 15.06
C ARG A 149 -6.73 2.92 15.48
N VAL A 150 -6.62 2.46 16.71
CA VAL A 150 -5.34 2.03 17.26
C VAL A 150 -5.28 0.52 17.41
N THR A 151 -6.27 -0.05 18.10
CA THR A 151 -6.36 -1.49 18.22
C THR A 151 -7.81 -1.89 18.03
N LYS A 152 -8.04 -3.20 18.04
CA LYS A 152 -9.37 -3.74 17.96
C LYS A 152 -10.27 -3.16 19.07
N HIS A 153 -9.68 -2.90 20.23
CA HIS A 153 -10.43 -2.38 21.38
C HIS A 153 -10.03 -0.97 21.81
N PHE A 154 -9.43 -0.23 20.89
CA PHE A 154 -9.04 1.16 21.12
C PHE A 154 -9.37 1.88 19.82
N GLN A 155 -10.63 2.23 19.66
CA GLN A 155 -11.09 3.03 18.53
C GLN A 155 -12.22 3.93 19.03
N ALA A 156 -12.24 5.14 18.50
CA ALA A 156 -13.27 6.11 18.89
C ALA A 156 -13.22 7.27 17.91
N ASP A 157 -14.36 7.91 17.71
CA ASP A 157 -14.48 8.94 16.69
C ASP A 157 -14.73 10.32 17.29
N GLY A 158 -14.51 11.35 16.47
CA GLY A 158 -14.82 12.71 16.84
C GLY A 158 -16.22 13.04 16.35
N LEU A 159 -17.19 12.80 17.22
CA LEU A 159 -18.60 12.76 16.79
C LEU A 159 -19.17 14.13 16.41
N CYS A 160 -18.45 15.21 16.72
CA CYS A 160 -18.85 16.54 16.29
C CYS A 160 -17.69 17.31 15.65
N ALA A 161 -16.80 16.59 14.96
CA ALA A 161 -15.60 17.19 14.39
C ALA A 161 -15.92 18.12 13.22
N THR A 162 -16.87 17.72 12.38
CA THR A 162 -17.22 18.49 11.19
C THR A 162 -18.74 18.60 11.06
N SER A 163 -19.20 19.54 10.24
CA SER A 163 -20.62 19.91 10.24
C SER A 163 -21.21 19.97 8.83
N ASP A 164 -22.53 19.82 8.74
CA ASP A 164 -23.24 19.93 7.47
C ASP A 164 -23.81 21.32 7.29
N ASN A 165 -24.20 21.92 8.42
CA ASN A 165 -24.84 23.22 8.41
C ASN A 165 -23.85 24.37 8.51
N LEU A 166 -23.48 24.73 9.74
CA LEU A 166 -22.69 25.92 9.97
C LEU A 166 -21.54 25.68 10.93
N LYS A 167 -20.51 26.52 10.80
CA LYS A 167 -19.33 26.47 11.67
C LYS A 167 -19.80 26.54 13.13
N PRO A 168 -19.01 25.97 14.06
CA PRO A 168 -19.39 25.75 15.46
C PRO A 168 -19.51 26.96 16.42
N TRP A 169 -18.90 28.10 16.12
CA TRP A 169 -18.87 29.18 17.13
C TRP A 169 -20.21 29.89 17.29
N GLU A 170 -21.15 29.57 16.40
CA GLU A 170 -22.31 30.41 16.21
C GLU A 170 -23.49 30.00 17.09
N PRO A 171 -24.30 30.99 17.50
CA PRO A 171 -25.50 30.68 18.29
C PRO A 171 -26.34 29.62 17.62
N GLY A 172 -26.87 28.68 18.40
CA GLY A 172 -27.68 27.61 17.86
C GLY A 172 -26.90 26.42 17.36
N TYR A 173 -25.57 26.48 17.42
CA TYR A 173 -24.78 25.33 17.01
C TYR A 173 -25.26 24.12 17.78
N VAL A 174 -25.50 23.03 17.05
CA VAL A 174 -26.00 21.81 17.65
C VAL A 174 -25.04 20.66 17.42
N CYS A 175 -24.69 19.98 18.51
CA CYS A 175 -23.80 18.83 18.46
C CYS A 175 -24.46 17.65 19.17
N ASP A 176 -24.95 16.70 18.39
CA ASP A 176 -25.51 15.49 18.97
C ASP A 176 -24.69 14.27 18.55
N PRO A 177 -23.84 13.77 19.46
CA PRO A 177 -23.00 12.60 19.21
C PRO A 177 -23.82 11.35 18.87
N ALA A 178 -25.06 11.29 19.34
CA ALA A 178 -25.90 10.11 19.10
C ALA A 178 -26.49 10.13 17.69
N ASN A 179 -26.59 11.33 17.13
CA ASN A 179 -27.07 11.51 15.76
C ASN A 179 -26.15 12.49 15.04
N PRO A 180 -24.89 12.10 14.82
CA PRO A 180 -23.88 12.98 14.24
C PRO A 180 -24.21 13.47 12.83
N SER A 181 -23.57 14.57 12.44
CA SER A 181 -23.71 15.12 11.09
C SER A 181 -23.36 14.10 10.02
N ASN A 182 -23.80 14.37 8.80
CA ASN A 182 -23.43 13.57 7.65
C ASN A 182 -21.92 13.56 7.46
N SER A 183 -21.27 14.69 7.66
CA SER A 183 -19.83 14.81 7.44
C SER A 183 -19.09 13.89 8.40
N VAL A 184 -19.53 13.88 9.65
CA VAL A 184 -18.95 13.01 10.67
C VAL A 184 -19.15 11.53 10.35
N LYS A 185 -20.35 11.16 9.89
CA LYS A 185 -20.60 9.77 9.47
C LYS A 185 -19.65 9.33 8.37
N ALA A 186 -19.52 10.16 7.35
CA ALA A 186 -18.65 9.88 6.23
C ALA A 186 -17.21 9.71 6.73
N SER A 187 -16.77 10.59 7.64
CA SER A 187 -15.41 10.54 8.15
C SER A 187 -15.18 9.26 8.94
N ILE A 188 -16.22 8.78 9.62
CA ILE A 188 -16.15 7.51 10.32
C ILE A 188 -15.90 6.38 9.32
N GLN A 189 -16.57 6.45 8.18
CA GLN A 189 -16.33 5.49 7.12
C GLN A 189 -14.90 5.59 6.58
N VAL A 190 -14.38 6.80 6.44
CA VAL A 190 -13.00 6.99 5.98
C VAL A 190 -12.04 6.28 6.91
N GLN A 191 -12.24 6.45 8.22
CA GLN A 191 -11.42 5.79 9.23
C GLN A 191 -11.44 4.29 9.01
N ASN A 192 -12.63 3.74 8.82
CA ASN A 192 -12.72 2.30 8.61
C ASN A 192 -12.00 1.82 7.35
N ILE A 193 -12.08 2.62 6.30
CA ILE A 193 -11.47 2.27 5.03
C ILE A 193 -9.95 2.26 5.16
N LEU A 194 -9.41 3.23 5.90
CA LEU A 194 -7.97 3.30 6.12
C LEU A 194 -7.53 2.13 7.00
N ALA A 195 -8.31 1.80 8.02
CA ALA A 195 -7.92 0.74 8.94
C ALA A 195 -7.81 -0.58 8.17
N ASN A 196 -8.74 -0.80 7.24
CA ASN A 196 -8.69 -1.97 6.36
C ASN A 196 -7.53 -1.97 5.34
N GLN A 197 -6.93 -0.81 5.13
CA GLN A 197 -5.69 -0.73 4.34
C GLN A 197 -4.46 -0.87 5.23
N GLY A 198 -4.67 -1.08 6.53
CA GLY A 198 -3.57 -1.30 7.46
C GLY A 198 -3.10 -0.07 8.22
N TYR A 199 -3.80 1.05 8.05
CA TYR A 199 -3.44 2.25 8.79
C TYR A 199 -3.86 2.14 10.24
N GLN A 200 -3.05 2.75 11.10
CA GLN A 200 -3.55 3.24 12.37
C GLN A 200 -3.83 4.72 12.22
N THR A 201 -4.81 5.22 12.96
CA THR A 201 -5.04 6.65 13.06
C THR A 201 -5.04 7.05 14.53
N HIS A 202 -4.52 8.23 14.82
CA HIS A 202 -4.46 8.73 16.19
C HIS A 202 -4.97 10.17 16.25
N GLY A 203 -5.68 10.48 17.33
CA GLY A 203 -6.10 11.84 17.57
C GLY A 203 -5.09 12.52 18.45
N TRP A 204 -5.57 13.31 19.42
CA TRP A 204 -4.67 14.05 20.29
C TRP A 204 -5.29 14.30 21.66
N ASP A 205 -4.43 14.62 22.63
CA ASP A 205 -4.85 14.94 23.99
C ASP A 205 -4.92 16.44 24.23
N VAL A 206 -3.95 17.16 23.69
CA VAL A 206 -3.88 18.60 23.84
C VAL A 206 -3.47 19.24 22.53
N ASP A 207 -4.02 20.41 22.26
CA ASP A 207 -3.80 21.10 21.01
C ASP A 207 -3.09 22.42 21.31
N TRP A 208 -1.84 22.53 20.85
CA TRP A 208 -1.06 23.75 21.07
C TRP A 208 -1.46 24.76 20.02
N ALA A 209 -2.25 25.74 20.43
CA ALA A 209 -2.90 26.64 19.51
C ALA A 209 -2.96 28.05 20.09
N PRO A 210 -3.31 29.05 19.26
CA PRO A 210 -3.55 30.39 19.80
C PRO A 210 -4.53 30.34 20.95
N GLU A 211 -4.23 31.05 22.04
CA GLU A 211 -5.14 31.16 23.18
C GLU A 211 -6.34 32.02 22.79
N ASN A 212 -6.14 32.96 21.87
N ASN A 212 -6.12 32.97 21.88
CA ASN A 212 -7.22 33.81 21.40
CA ASN A 212 -7.15 33.88 21.41
C ASN A 212 -7.10 34.03 19.90
C ASN A 212 -7.09 34.03 19.88
N TRP A 213 -8.08 33.51 19.16
CA TRP A 213 -8.10 33.62 17.71
C TRP A 213 -8.67 34.94 17.22
N GLY A 214 -9.22 35.75 18.12
CA GLY A 214 -9.88 36.99 17.75
C GLY A 214 -8.98 38.22 17.68
N ILE A 215 -7.79 38.12 18.26
CA ILE A 215 -6.84 39.23 18.25
C ILE A 215 -6.11 39.32 16.90
N PRO A 216 -5.61 40.52 16.56
CA PRO A 216 -4.76 40.53 15.37
C PRO A 216 -3.55 39.63 15.61
N MET A 217 -3.01 39.05 14.54
CA MET A 217 -1.82 38.20 14.64
C MET A 217 -2.05 37.07 15.65
N PRO A 218 -3.10 36.28 15.45
CA PRO A 218 -3.52 35.27 16.45
C PRO A 218 -2.43 34.25 16.79
N ALA A 219 -1.53 33.95 15.86
CA ALA A 219 -0.47 32.99 16.13
C ALA A 219 0.40 33.43 17.31
N ASN A 220 0.52 34.74 17.50
CA ASN A 220 1.29 35.32 18.60
C ASN A 220 0.82 34.86 19.97
N SER A 221 -0.45 34.47 20.07
CA SER A 221 -1.01 34.08 21.37
C SER A 221 -0.88 32.58 21.64
N LEU A 222 -0.10 31.88 20.84
CA LEU A 222 0.20 30.49 21.14
C LEU A 222 0.57 30.38 22.61
N THR A 223 0.07 29.35 23.27
CA THR A 223 0.31 29.18 24.70
C THR A 223 1.79 29.17 25.02
N GLU A 224 2.20 29.98 25.99
CA GLU A 224 3.59 30.02 26.41
C GLU A 224 3.98 28.67 27.02
N ALA A 225 5.28 28.39 27.03
CA ALA A 225 5.79 27.07 27.37
C ALA A 225 5.39 26.61 28.78
N VAL A 226 5.51 27.48 29.76
CA VAL A 226 5.20 27.09 31.14
C VAL A 226 3.74 26.68 31.33
N PRO A 227 2.79 27.55 30.93
CA PRO A 227 1.40 27.11 31.05
C PRO A 227 1.08 25.93 30.13
N PHE A 228 1.77 25.80 29.00
CA PHE A 228 1.50 24.67 28.14
C PHE A 228 1.91 23.37 28.83
N LEU A 229 3.02 23.42 29.55
CA LEU A 229 3.49 22.26 30.28
C LEU A 229 2.44 21.95 31.35
N ALA A 230 1.84 22.99 31.93
CA ALA A 230 0.72 22.79 32.84
C ALA A 230 -0.43 22.01 32.19
N TYR A 231 -0.81 22.39 30.97
CA TYR A 231 -1.85 21.67 30.23
C TYR A 231 -1.48 20.18 30.09
N VAL A 232 -0.23 19.90 29.74
CA VAL A 232 0.24 18.52 29.56
C VAL A 232 0.13 17.74 30.88
N ASP A 233 0.57 18.34 31.97
CA ASP A 233 0.49 17.70 33.29
C ASP A 233 -0.96 17.34 33.58
N LYS A 234 -1.86 18.26 33.25
CA LYS A 234 -3.28 18.07 33.52
C LYS A 234 -3.88 16.96 32.65
N ALA A 235 -3.37 16.82 31.42
CA ALA A 235 -3.87 15.82 30.49
C ALA A 235 -3.39 14.41 30.85
N LEU A 236 -2.21 14.33 31.47
CA LEU A 236 -1.60 13.05 31.79
C LEU A 236 -2.52 12.14 32.60
N ASN A 237 -2.95 11.03 32.00
CA ASN A 237 -3.80 10.05 32.66
C ASN A 237 -5.15 10.61 33.09
N SER A 238 -5.73 11.50 32.27
CA SER A 238 -6.96 12.19 32.64
C SER A 238 -8.00 12.16 31.52
N CYS A 239 -7.82 11.27 30.56
CA CYS A 239 -8.77 11.11 29.45
C CYS A 239 -9.20 12.44 28.85
N SER A 240 -8.24 13.28 28.52
CA SER A 240 -8.51 14.64 28.06
C SER A 240 -9.20 14.72 26.69
N PRO A 241 -9.14 13.64 25.88
CA PRO A 241 -9.93 13.71 24.64
C PRO A 241 -11.43 13.89 24.87
N THR A 242 -11.93 13.52 26.04
CA THR A 242 -13.35 13.73 26.33
C THR A 242 -13.62 15.13 26.89
N THR A 243 -12.64 15.71 27.57
CA THR A 243 -12.82 17.00 28.23
C THR A 243 -12.29 18.20 27.45
N ILE A 244 -11.49 17.94 26.43
CA ILE A 244 -10.89 19.01 25.63
C ILE A 244 -11.96 19.94 25.03
N GLU A 245 -11.58 21.20 24.80
CA GLU A 245 -12.43 22.16 24.09
C GLU A 245 -11.63 22.73 22.92
N PRO A 246 -12.30 23.11 21.83
CA PRO A 246 -13.74 23.19 21.65
C PRO A 246 -14.39 21.82 21.42
N ILE A 247 -15.69 21.83 21.16
CA ILE A 247 -16.48 20.62 21.05
C ILE A 247 -16.05 19.77 19.85
N ASN A 248 -15.69 20.41 18.76
CA ASN A 248 -15.31 19.73 17.53
C ASN A 248 -13.95 19.01 17.64
N SER A 249 -13.30 19.15 18.79
CA SER A 249 -12.04 18.47 19.04
C SER A 249 -12.22 17.26 19.96
N LYS A 250 -13.44 17.05 20.47
CA LYS A 250 -13.69 15.99 21.43
C LYS A 250 -13.72 14.59 20.80
N THR A 251 -13.34 13.60 21.59
CA THR A 251 -13.54 12.20 21.27
C THR A 251 -14.45 11.62 22.35
N GLN A 252 -15.76 11.78 22.15
CA GLN A 252 -16.73 11.55 23.23
C GLN A 252 -16.59 10.16 23.84
N GLU A 253 -16.44 9.14 23.00
CA GLU A 253 -16.41 7.76 23.48
C GLU A 253 -14.99 7.21 23.64
N PHE A 254 -14.00 8.08 23.82
CA PHE A 254 -12.63 7.64 24.03
C PHE A 254 -12.56 6.69 25.23
N PRO A 255 -11.85 5.56 25.09
CA PRO A 255 -11.80 4.56 26.17
C PRO A 255 -10.89 4.97 27.32
N CYS A 256 -11.40 5.79 28.23
CA CYS A 256 -10.62 6.26 29.36
C CYS A 256 -9.95 5.08 30.07
N GLY A 257 -8.68 5.25 30.41
CA GLY A 257 -7.95 4.22 31.12
C GLY A 257 -7.52 3.03 30.27
N THR A 258 -7.78 3.09 28.97
CA THR A 258 -7.29 2.06 28.07
C THR A 258 -5.77 1.98 28.25
N PRO A 259 -5.21 0.77 28.34
CA PRO A 259 -3.83 0.58 28.76
C PRO A 259 -2.77 1.25 27.86
N LEU A 260 -2.99 1.29 26.56
CA LEU A 260 -2.00 1.87 25.63
C LEU A 260 -1.88 3.39 25.76
N HIS A 261 -2.88 4.01 26.39
CA HIS A 261 -2.92 5.46 26.50
C HIS A 261 -2.36 5.96 27.83
N ALA A 262 -2.07 5.03 28.74
CA ALA A 262 -1.56 5.40 30.06
C ALA A 262 -0.19 6.05 30.01
N ASP A 263 -0.03 7.10 30.79
CA ASP A 263 1.25 7.79 30.96
C ASP A 263 1.73 8.43 29.65
N LYS A 264 0.80 8.82 28.80
CA LYS A 264 1.13 9.39 27.51
C LYS A 264 0.27 10.61 27.21
N VAL A 265 0.86 11.59 26.54
CA VAL A 265 0.13 12.76 26.09
C VAL A 265 0.54 13.06 24.66
N ILE A 266 -0.43 13.03 23.76
CA ILE A 266 -0.23 13.45 22.38
C ILE A 266 -0.58 14.92 22.21
N VAL A 267 0.40 15.67 21.73
CA VAL A 267 0.24 17.09 21.46
C VAL A 267 0.05 17.29 19.98
N LEU A 268 -1.01 17.99 19.60
CA LEU A 268 -1.19 18.38 18.21
C LEU A 268 -0.79 19.85 18.09
N THR A 269 -0.06 20.17 17.02
CA THR A 269 0.10 21.56 16.64
C THR A 269 0.29 21.66 15.12
N HIS A 270 0.51 22.87 14.62
CA HIS A 270 0.61 23.10 13.18
C HIS A 270 1.90 23.84 12.83
N ASP A 271 2.61 23.34 11.82
CA ASP A 271 3.86 23.97 11.40
C ASP A 271 3.62 25.45 11.15
N PHE A 272 2.50 25.79 10.53
CA PHE A 272 2.28 27.17 10.09
C PHE A 272 2.13 28.16 11.24
N LEU A 273 1.94 27.68 12.46
CA LEU A 273 1.86 28.58 13.61
C LEU A 273 3.26 29.11 13.99
N PHE A 274 4.28 28.58 13.33
CA PHE A 274 5.66 28.90 13.68
C PHE A 274 6.39 29.70 12.59
N GLU A 275 5.65 30.35 11.70
CA GLU A 275 6.27 31.26 10.74
C GLU A 275 5.81 32.70 10.95
N ASP A 276 6.70 33.63 10.60
CA ASP A 276 6.34 35.03 10.50
C ASP A 276 5.64 35.23 9.16
N GLY A 277 4.34 35.53 9.21
CA GLY A 277 3.53 35.58 8.01
C GLY A 277 2.12 36.03 8.28
N LYS A 278 1.17 35.48 7.54
CA LYS A 278 -0.19 35.99 7.52
C LYS A 278 -0.94 35.78 8.83
N ARG A 279 -0.46 34.86 9.67
CA ARG A 279 -1.14 34.55 10.92
C ARG A 279 -0.50 35.26 12.11
N GLY A 280 0.61 35.95 11.84
CA GLY A 280 1.36 36.65 12.86
C GLY A 280 2.84 36.38 12.79
N MET A 281 3.56 36.80 13.83
CA MET A 281 5.00 36.59 13.91
CA MET A 281 5.00 36.59 13.89
C MET A 281 5.29 35.28 14.62
N GLY A 282 4.84 34.18 14.03
CA GLY A 282 4.98 32.87 14.62
C GLY A 282 6.40 32.36 14.80
N ALA A 283 7.30 32.70 13.89
CA ALA A 283 8.69 32.27 14.06
C ALA A 283 9.32 32.99 15.26
N THR A 284 9.25 34.31 15.26
CA THR A 284 9.85 35.14 16.29
C THR A 284 9.28 34.84 17.68
N GLN A 285 7.96 34.71 17.76
CA GLN A 285 7.28 34.52 19.03
C GLN A 285 7.17 33.07 19.48
N ASN A 286 7.08 32.14 18.54
CA ASN A 286 6.75 30.77 18.88
C ASN A 286 7.88 29.75 18.81
N LEU A 287 8.90 29.98 17.97
CA LEU A 287 9.99 28.99 17.96
C LEU A 287 10.61 28.87 19.37
N PRO A 288 10.79 30.02 20.08
CA PRO A 288 11.30 29.98 21.46
C PRO A 288 10.39 29.27 22.45
N LYS A 289 9.08 29.32 22.23
CA LYS A 289 8.15 28.58 23.08
C LYS A 289 8.36 27.07 22.90
N LEU A 290 8.52 26.63 21.67
CA LEU A 290 8.76 25.21 21.38
C LEU A 290 10.07 24.75 22.04
N ALA A 291 11.12 25.55 21.87
CA ALA A 291 12.43 25.22 22.43
C ALA A 291 12.37 25.12 23.96
N GLU A 292 11.76 26.11 24.60
CA GLU A 292 11.71 26.12 26.06
C GLU A 292 10.86 24.96 26.55
N PHE A 293 9.72 24.73 25.89
CA PHE A 293 8.85 23.64 26.29
C PHE A 293 9.58 22.31 26.33
N ILE A 294 10.34 22.01 25.28
CA ILE A 294 11.10 20.77 25.22
C ILE A 294 12.04 20.66 26.42
N ARG A 295 12.76 21.74 26.71
CA ARG A 295 13.70 21.74 27.83
C ARG A 295 13.00 21.54 29.17
N ILE A 296 11.95 22.32 29.45
CA ILE A 296 11.30 22.23 30.77
C ILE A 296 10.52 20.92 30.93
N ALA A 297 10.04 20.36 29.82
CA ALA A 297 9.32 19.09 29.86
C ALA A 297 10.30 17.96 30.25
N LYS A 298 11.49 17.98 29.68
CA LYS A 298 12.51 17.00 30.05
C LYS A 298 12.94 17.17 31.52
N GLU A 299 13.14 18.42 31.94
CA GLU A 299 13.46 18.72 33.33
C GLU A 299 12.44 18.09 34.27
N ALA A 300 11.18 18.21 33.88
CA ALA A 300 10.07 17.74 34.71
C ALA A 300 9.96 16.20 34.76
N GLY A 301 10.66 15.51 33.87
CA GLY A 301 10.66 14.06 33.86
C GLY A 301 9.98 13.41 32.66
N TYR A 302 9.53 14.22 31.70
CA TYR A 302 8.95 13.66 30.48
C TYR A 302 10.02 13.22 29.47
N VAL A 303 9.68 12.25 28.64
CA VAL A 303 10.51 11.95 27.47
C VAL A 303 9.65 12.11 26.23
N PHE A 304 10.28 12.37 25.08
CA PHE A 304 9.57 12.55 23.82
C PHE A 304 9.72 11.33 22.90
N ASP A 305 8.62 10.91 22.28
CA ASP A 305 8.66 9.82 21.31
C ASP A 305 7.77 10.11 20.12
N THR A 306 7.74 9.16 19.20
CA THR A 306 7.05 9.31 17.93
C THR A 306 5.98 8.25 17.79
N MET A 307 5.06 8.47 16.86
CA MET A 307 3.83 7.72 16.83
C MET A 307 4.00 6.29 16.31
N ASP A 308 5.14 6.01 15.67
CA ASP A 308 5.45 4.65 15.26
C ASP A 308 5.74 3.79 16.49
N ASN A 309 5.97 4.45 17.62
CA ASN A 309 6.26 3.75 18.88
C ASN A 309 5.15 3.87 19.92
N TYR A 310 4.07 4.59 19.59
CA TYR A 310 2.97 4.80 20.51
C TYR A 310 2.39 3.46 20.94
N THR A 311 2.25 2.56 19.97
CA THR A 311 2.08 1.14 20.26
C THR A 311 3.48 0.56 20.22
N PRO A 312 3.97 0.05 21.37
CA PRO A 312 5.38 -0.31 21.44
C PRO A 312 5.74 -1.45 20.49
N ARG A 313 6.95 -1.39 19.93
CA ARG A 313 7.43 -2.43 19.03
C ARG A 313 7.72 -3.68 19.81
N TRP A 314 7.39 -4.83 19.24
CA TRP A 314 7.74 -6.11 19.81
C TRP A 314 9.26 -6.13 19.98
N SER A 315 9.72 -6.64 21.12
CA SER A 315 11.15 -6.60 21.45
CA SER A 315 11.15 -6.60 21.45
C SER A 315 11.58 -7.92 22.10
N VAL A 316 12.58 -8.57 21.50
CA VAL A 316 13.11 -9.81 22.02
C VAL A 316 13.68 -9.56 23.41
N GLY A 317 13.43 -10.48 24.33
CA GLY A 317 13.94 -10.38 25.68
C GLY A 317 12.92 -9.83 26.67
N LYS A 318 11.97 -9.03 26.18
CA LYS A 318 10.95 -8.46 27.05
C LYS A 318 9.89 -9.47 27.42
N THR A 319 9.50 -9.48 28.69
CA THR A 319 8.44 -10.36 29.14
C THR A 319 7.11 -9.63 28.96
N TYR A 320 6.09 -10.36 28.53
CA TYR A 320 4.80 -9.76 28.26
C TYR A 320 3.73 -10.42 29.11
N GLN A 321 2.79 -9.61 29.57
CA GLN A 321 1.62 -10.10 30.26
C GLN A 321 0.54 -10.35 29.22
N ALA A 322 -0.23 -11.41 29.40
CA ALA A 322 -1.40 -11.63 28.56
C ALA A 322 -2.23 -10.36 28.53
N GLY A 323 -2.66 -9.96 27.34
CA GLY A 323 -3.47 -8.76 27.19
C GLY A 323 -2.69 -7.54 26.73
N GLU A 324 -1.36 -7.60 26.80
CA GLU A 324 -0.54 -6.46 26.40
C GLU A 324 -0.45 -6.39 24.90
N TYR A 325 -0.30 -5.17 24.38
CA TYR A 325 -0.24 -4.93 22.93
C TYR A 325 1.16 -4.55 22.46
N VAL A 326 1.51 -5.03 21.27
CA VAL A 326 2.74 -4.60 20.60
C VAL A 326 2.43 -4.33 19.14
N LEU A 327 3.33 -3.59 18.49
CA LEU A 327 3.30 -3.41 17.05
C LEU A 327 4.44 -4.22 16.46
N TYR A 328 4.16 -4.99 15.42
CA TYR A 328 5.20 -5.78 14.77
C TYR A 328 4.98 -5.78 13.27
N GLN A 329 5.99 -5.28 12.54
CA GLN A 329 5.90 -5.16 11.09
C GLN A 329 4.58 -4.49 10.66
N GLY A 330 4.19 -3.44 11.39
CA GLY A 330 3.03 -2.64 11.03
C GLY A 330 1.69 -3.18 11.50
N VAL A 331 1.70 -4.35 12.14
CA VAL A 331 0.48 -5.01 12.59
C VAL A 331 0.40 -5.02 14.11
N VAL A 332 -0.77 -4.71 14.65
CA VAL A 332 -0.97 -4.74 16.09
C VAL A 332 -1.28 -6.16 16.55
N TYR A 333 -0.67 -6.58 17.66
CA TYR A 333 -0.94 -7.89 18.23
C TYR A 333 -1.15 -7.77 19.74
N LYS A 334 -1.90 -8.71 20.29
CA LYS A 334 -2.21 -8.76 21.72
C LYS A 334 -1.72 -10.10 22.25
N ALA A 335 -0.97 -10.10 23.35
CA ALA A 335 -0.44 -11.35 23.88
C ALA A 335 -1.56 -12.23 24.38
N VAL A 336 -1.52 -13.50 23.97
CA VAL A 336 -2.49 -14.51 24.39
C VAL A 336 -2.16 -15.06 25.79
N ILE A 337 -0.88 -15.31 26.02
CA ILE A 337 -0.40 -15.80 27.31
C ILE A 337 0.88 -15.08 27.72
N SER A 338 1.07 -14.93 29.01
CA SER A 338 2.25 -14.24 29.51
C SER A 338 3.50 -15.05 29.16
N HIS A 339 4.55 -14.36 28.74
CA HIS A 339 5.77 -15.04 28.33
C HIS A 339 6.88 -14.05 28.06
N THR A 340 8.07 -14.59 27.85
CA THR A 340 9.21 -13.79 27.48
C THR A 340 9.47 -13.93 25.99
N ALA A 341 9.47 -12.80 25.30
CA ALA A 341 9.67 -12.80 23.86
C ALA A 341 11.05 -13.32 23.50
N GLN A 342 11.09 -14.21 22.52
CA GLN A 342 12.34 -14.75 22.01
C GLN A 342 12.39 -14.65 20.49
N GLN A 343 13.60 -14.73 19.95
CA GLN A 343 13.87 -14.45 18.55
C GLN A 343 12.91 -15.12 17.57
N ASP A 344 12.75 -16.44 17.68
CA ASP A 344 11.97 -17.18 16.68
C ASP A 344 10.48 -17.16 16.97
N TRP A 345 10.09 -16.55 18.08
CA TRP A 345 8.69 -16.57 18.56
C TRP A 345 8.01 -15.21 18.37
N ALA A 346 8.18 -14.59 17.20
CA ALA A 346 7.56 -13.30 16.95
C ALA A 346 6.06 -13.44 16.68
N PRO A 347 5.31 -12.33 16.84
CA PRO A 347 3.89 -12.35 16.45
C PRO A 347 3.72 -12.68 14.98
N SER A 348 2.62 -13.34 14.64
CA SER A 348 2.34 -13.67 13.25
C SER A 348 0.90 -14.13 13.13
N SER A 349 0.50 -14.47 11.92
CA SER A 349 -0.83 -15.02 11.66
C SER A 349 -1.03 -16.46 12.15
N THR A 350 0.02 -17.10 12.66
CA THR A 350 -0.11 -18.48 13.12
C THR A 350 0.39 -18.69 14.56
N SER A 351 0.92 -17.64 15.18
CA SER A 351 1.50 -17.76 16.52
C SER A 351 0.44 -18.07 17.58
N SER A 352 0.78 -19.00 18.49
CA SER A 352 -0.12 -19.33 19.59
C SER A 352 0.03 -18.33 20.74
N LEU A 353 1.02 -17.46 20.65
CA LEU A 353 1.35 -16.55 21.74
C LEU A 353 0.69 -15.19 21.57
N TRP A 354 0.25 -14.88 20.34
CA TRP A 354 -0.30 -13.58 19.99
C TRP A 354 -1.53 -13.75 19.11
N THR A 355 -2.43 -12.78 19.16
CA THR A 355 -3.46 -12.66 18.13
C THR A 355 -3.38 -11.28 17.47
N ASN A 356 -3.78 -11.21 16.21
CA ASN A 356 -3.89 -9.95 15.50
C ASN A 356 -4.99 -9.08 16.12
N ALA A 357 -4.61 -7.87 16.54
CA ALA A 357 -5.57 -6.92 17.07
C ALA A 357 -5.55 -5.58 16.33
N ASP A 358 -5.34 -5.61 15.02
CA ASP A 358 -5.48 -4.40 14.21
C ASP A 358 -6.89 -3.86 14.36
N PRO A 359 -7.05 -2.52 14.22
CA PRO A 359 -8.37 -1.87 14.35
C PRO A 359 -9.21 -1.98 13.09
N ALA A 360 -9.17 -3.13 12.42
CA ALA A 360 -9.77 -3.29 11.11
C ALA A 360 -11.06 -4.12 11.18
N THR A 361 -11.80 -4.15 10.07
CA THR A 361 -13.09 -4.83 10.05
C THR A 361 -13.14 -5.96 9.03
N ASN A 362 -12.20 -6.01 8.09
CA ASN A 362 -12.16 -7.14 7.18
C ASN A 362 -11.69 -8.38 7.91
N TRP A 363 -12.33 -9.51 7.60
CA TRP A 363 -11.97 -10.76 8.23
C TRP A 363 -10.50 -11.07 7.97
N THR A 364 -9.81 -11.44 9.04
CA THR A 364 -8.37 -11.61 9.02
C THR A 364 -8.02 -12.83 9.86
N LEU A 365 -6.88 -13.46 9.56
CA LEU A 365 -6.42 -14.63 10.31
C LEU A 365 -5.90 -14.28 11.71
N ASN A 366 -6.07 -15.22 12.64
CA ASN A 366 -5.54 -15.14 13.99
C ASN A 366 -6.05 -13.95 14.79
N VAL A 367 -7.32 -13.58 14.57
CA VAL A 367 -7.95 -12.53 15.35
C VAL A 367 -8.85 -13.17 16.41
N SER A 368 -8.81 -12.65 17.63
CA SER A 368 -9.72 -13.10 18.68
C SER A 368 -11.05 -12.36 18.56
N TYR A 369 -11.97 -12.96 17.81
CA TYR A 369 -13.26 -12.36 17.55
C TYR A 369 -14.19 -12.59 18.73
N GLU A 370 -14.97 -11.56 19.02
CA GLU A 370 -15.91 -11.60 20.12
C GLU A 370 -17.33 -11.63 19.57
N GLN A 371 -18.22 -12.23 20.35
CA GLN A 371 -19.64 -12.21 20.03
C GLN A 371 -20.09 -10.79 19.74
N GLY A 372 -20.69 -10.58 18.58
CA GLY A 372 -21.22 -9.27 18.22
C GLY A 372 -20.37 -8.50 17.24
N ASP A 373 -19.13 -8.92 17.04
CA ASP A 373 -18.27 -8.30 16.02
C ASP A 373 -18.90 -8.52 14.66
N ILE A 374 -18.75 -7.53 13.78
CA ILE A 374 -19.18 -7.66 12.39
C ILE A 374 -17.93 -7.53 11.52
N VAL A 375 -17.72 -8.50 10.64
CA VAL A 375 -16.55 -8.51 9.76
C VAL A 375 -16.99 -8.53 8.30
N ASN A 376 -16.15 -8.02 7.42
CA ASN A 376 -16.40 -8.14 5.99
C ASN A 376 -15.57 -9.26 5.39
N TYR A 377 -16.18 -10.02 4.48
CA TYR A 377 -15.48 -11.11 3.82
C TYR A 377 -16.10 -11.37 2.46
N LYS A 378 -15.25 -11.34 1.43
CA LYS A 378 -15.68 -11.49 0.04
C LYS A 378 -16.95 -10.70 -0.27
N GLY A 379 -16.92 -9.41 0.08
CA GLY A 379 -17.97 -8.48 -0.27
C GLY A 379 -19.24 -8.56 0.58
N LYS A 380 -19.27 -9.45 1.57
CA LYS A 380 -20.44 -9.56 2.45
C LYS A 380 -20.08 -9.30 3.91
N ARG A 381 -21.10 -9.00 4.70
CA ARG A 381 -20.94 -8.70 6.11
C ARG A 381 -21.46 -9.86 6.96
N TYR A 382 -20.74 -10.17 8.02
CA TYR A 382 -21.04 -11.32 8.84
C TYR A 382 -20.96 -10.93 10.31
N LEU A 383 -21.92 -11.43 11.08
CA LEU A 383 -21.95 -11.24 12.51
C LEU A 383 -21.33 -12.45 13.20
N VAL A 384 -20.44 -12.18 14.15
CA VAL A 384 -19.82 -13.24 14.92
C VAL A 384 -20.79 -13.66 16.03
N SER A 385 -21.22 -14.90 16.01
CA SER A 385 -22.18 -15.40 16.99
C SER A 385 -21.48 -16.04 18.17
N VAL A 386 -20.29 -16.60 17.92
CA VAL A 386 -19.55 -17.32 18.94
C VAL A 386 -18.08 -16.88 18.98
N PRO A 387 -17.59 -16.46 20.16
CA PRO A 387 -16.20 -15.98 20.23
C PRO A 387 -15.22 -17.08 19.88
N HIS A 388 -14.18 -16.74 19.13
CA HIS A 388 -13.18 -17.70 18.70
C HIS A 388 -11.98 -16.99 18.09
N VAL A 389 -10.90 -17.74 17.90
CA VAL A 389 -9.74 -17.22 17.19
C VAL A 389 -9.77 -17.70 15.76
N SER A 390 -9.75 -16.76 14.83
CA SER A 390 -9.89 -17.08 13.42
C SER A 390 -8.70 -17.86 12.88
N GLN A 391 -8.97 -18.70 11.88
CA GLN A 391 -7.95 -19.48 11.21
C GLN A 391 -8.40 -19.79 9.78
N GLN A 392 -7.48 -20.29 8.97
CA GLN A 392 -7.73 -20.39 7.53
C GLN A 392 -8.94 -21.23 7.19
N ASP A 393 -9.18 -22.29 7.95
CA ASP A 393 -10.28 -23.20 7.67
C ASP A 393 -11.64 -22.62 8.09
N TRP A 394 -11.62 -21.57 8.90
CA TRP A 394 -12.85 -21.04 9.49
C TRP A 394 -13.31 -19.75 8.84
N THR A 395 -13.40 -19.75 7.52
CA THR A 395 -13.84 -18.58 6.78
C THR A 395 -15.34 -18.36 6.98
N PRO A 396 -15.75 -17.09 7.07
CA PRO A 396 -17.14 -16.77 7.40
C PRO A 396 -18.19 -17.39 6.49
N ASP A 397 -17.86 -17.60 5.21
CA ASP A 397 -18.83 -18.17 4.27
C ASP A 397 -18.99 -19.68 4.45
N THR A 398 -18.09 -20.31 5.20
CA THR A 398 -18.17 -21.77 5.40
C THR A 398 -18.35 -22.18 6.86
N GLN A 399 -18.40 -21.21 7.79
CA GLN A 399 -18.54 -21.54 9.21
C GLN A 399 -19.80 -20.96 9.84
N ASN A 400 -20.94 -21.54 9.54
CA ASN A 400 -22.21 -20.98 10.03
C ASN A 400 -22.38 -21.16 11.54
N THR A 401 -21.54 -21.97 12.16
CA THR A 401 -21.57 -22.10 13.62
C THR A 401 -20.83 -20.96 14.32
N LEU A 402 -20.15 -20.13 13.53
CA LEU A 402 -19.35 -19.04 14.08
C LEU A 402 -19.79 -17.69 13.52
N PHE A 403 -20.23 -17.69 12.27
CA PHE A 403 -20.65 -16.47 11.59
C PHE A 403 -22.05 -16.62 10.99
N THR A 404 -22.80 -15.52 10.97
CA THR A 404 -24.08 -15.45 10.27
C THR A 404 -24.06 -14.28 9.30
N ALA A 405 -24.29 -14.54 8.02
CA ALA A 405 -24.31 -13.46 7.04
C ALA A 405 -25.44 -12.48 7.29
N LEU A 406 -25.13 -11.19 7.19
CA LEU A 406 -26.12 -10.14 7.37
C LEU A 406 -26.73 -9.71 6.03
N GLU A 407 -27.89 -9.05 6.08
CA GLU A 407 -28.57 -8.59 4.88
C GLU A 407 -28.04 -7.24 4.42
N THR B 4 2.33 -37.80 -8.31
CA THR B 4 2.79 -36.44 -8.53
C THR B 4 2.45 -35.97 -9.94
N PRO B 5 2.10 -34.69 -10.09
CA PRO B 5 1.68 -34.11 -11.38
C PRO B 5 2.83 -33.89 -12.35
N LYS B 6 2.51 -33.90 -13.65
CA LYS B 6 3.50 -33.64 -14.68
C LYS B 6 4.12 -32.27 -14.49
N GLY B 7 3.28 -31.29 -14.15
CA GLY B 7 3.73 -29.94 -13.91
C GLY B 7 2.58 -29.07 -13.47
N THR B 8 2.86 -27.80 -13.19
CA THR B 8 1.82 -26.87 -12.82
C THR B 8 1.69 -25.77 -13.87
N ILE B 9 0.47 -25.58 -14.37
CA ILE B 9 0.17 -24.51 -15.31
C ILE B 9 -0.47 -23.33 -14.58
N TYR B 10 0.00 -22.13 -14.90
CA TYR B 10 -0.59 -20.91 -14.37
C TYR B 10 -1.22 -20.12 -15.50
N LEU B 11 -2.53 -20.23 -15.64
CA LEU B 11 -3.26 -19.43 -16.62
C LEU B 11 -3.30 -17.98 -16.16
N THR B 12 -2.77 -17.08 -16.98
CA THR B 12 -2.79 -15.65 -16.66
C THR B 12 -3.39 -14.84 -17.81
N PHE B 13 -4.44 -14.09 -17.50
CA PHE B 13 -5.15 -13.27 -18.46
C PHE B 13 -4.88 -11.77 -18.25
N ASP B 14 -4.51 -11.09 -19.31
CA ASP B 14 -4.11 -9.68 -19.24
C ASP B 14 -5.07 -8.76 -19.98
N ASP B 15 -5.28 -7.58 -19.40
CA ASP B 15 -5.95 -6.43 -20.04
C ASP B 15 -7.44 -6.31 -19.76
N GLY B 16 -7.96 -7.19 -18.92
CA GLY B 16 -9.29 -7.03 -18.38
C GLY B 16 -9.31 -5.90 -17.36
N PRO B 17 -10.47 -5.66 -16.75
CA PRO B 17 -11.70 -6.42 -16.97
C PRO B 17 -12.52 -5.84 -18.12
N VAL B 18 -12.93 -6.69 -19.06
CA VAL B 18 -13.81 -6.26 -20.15
C VAL B 18 -15.01 -7.20 -20.28
N ASN B 19 -15.91 -6.93 -21.23
CA ASN B 19 -17.08 -7.79 -21.43
C ASN B 19 -16.68 -9.25 -21.65
N ALA B 20 -15.71 -9.47 -22.52
CA ALA B 20 -15.27 -10.82 -22.85
C ALA B 20 -14.82 -11.60 -21.62
N SER B 21 -14.38 -10.89 -20.58
CA SER B 21 -13.88 -11.53 -19.37
C SER B 21 -14.94 -12.41 -18.71
N VAL B 22 -16.20 -12.03 -18.83
CA VAL B 22 -17.26 -12.74 -18.12
C VAL B 22 -17.35 -14.21 -18.54
N GLU B 23 -17.46 -14.46 -19.84
CA GLU B 23 -17.59 -15.83 -20.32
C GLU B 23 -16.29 -16.62 -20.14
N VAL B 24 -15.15 -15.93 -20.22
CA VAL B 24 -13.87 -16.54 -19.91
C VAL B 24 -13.92 -17.13 -18.51
N ILE B 25 -14.32 -16.29 -17.55
CA ILE B 25 -14.40 -16.71 -16.15
C ILE B 25 -15.32 -17.91 -15.98
N LYS B 26 -16.45 -17.90 -16.68
CA LYS B 26 -17.42 -18.98 -16.58
C LYS B 26 -16.82 -20.30 -17.08
N VAL B 27 -16.07 -20.23 -18.17
CA VAL B 27 -15.40 -21.41 -18.70
C VAL B 27 -14.36 -21.95 -17.71
N LEU B 28 -13.59 -21.05 -17.10
CA LEU B 28 -12.61 -21.44 -16.10
C LEU B 28 -13.33 -22.18 -14.97
N ASN B 29 -14.47 -21.64 -14.54
CA ASN B 29 -15.22 -22.22 -13.44
C ASN B 29 -15.75 -23.60 -13.80
N GLN B 30 -16.25 -23.74 -15.02
CA GLN B 30 -16.75 -25.03 -15.49
C GLN B 30 -15.62 -26.05 -15.59
N GLY B 31 -14.42 -25.55 -15.88
CA GLY B 31 -13.25 -26.41 -16.03
C GLY B 31 -12.64 -26.79 -14.70
N GLY B 32 -13.12 -26.19 -13.62
CA GLY B 32 -12.63 -26.51 -12.29
C GLY B 32 -11.22 -26.00 -12.02
N VAL B 33 -10.91 -24.82 -12.55
CA VAL B 33 -9.58 -24.22 -12.33
C VAL B 33 -9.68 -22.75 -11.96
N LYS B 34 -8.64 -22.25 -11.29
CA LYS B 34 -8.50 -20.83 -10.98
C LYS B 34 -7.39 -20.25 -11.84
N ALA B 35 -7.54 -18.98 -12.22
CA ALA B 35 -6.53 -18.28 -12.99
C ALA B 35 -6.22 -16.94 -12.33
N THR B 36 -5.22 -16.26 -12.89
CA THR B 36 -4.80 -14.96 -12.41
C THR B 36 -5.08 -13.93 -13.50
N PHE B 37 -5.80 -12.86 -13.15
CA PHE B 37 -6.12 -11.79 -14.08
C PHE B 37 -5.32 -10.54 -13.75
N TYR B 38 -4.43 -10.12 -14.64
CA TYR B 38 -3.74 -8.84 -14.49
C TYR B 38 -4.56 -7.73 -15.18
N PHE B 39 -5.21 -6.92 -14.35
CA PHE B 39 -6.21 -5.97 -14.84
C PHE B 39 -5.69 -4.54 -15.02
N ASN B 40 -6.29 -3.85 -16.00
CA ASN B 40 -6.13 -2.40 -16.19
C ASN B 40 -7.46 -1.72 -15.87
N ALA B 41 -7.53 -0.96 -14.78
CA ALA B 41 -8.81 -0.46 -14.31
C ALA B 41 -9.42 0.65 -15.18
N TRP B 42 -8.71 1.15 -16.19
CA TRP B 42 -9.30 2.19 -17.03
C TRP B 42 -10.57 1.70 -17.71
N HIS B 43 -10.68 0.38 -17.91
CA HIS B 43 -11.88 -0.20 -18.50
C HIS B 43 -13.11 0.08 -17.64
N LEU B 44 -12.91 0.18 -16.34
CA LEU B 44 -14.00 0.52 -15.43
C LEU B 44 -14.49 1.95 -15.66
N ASP B 45 -13.59 2.82 -16.13
CA ASP B 45 -13.96 4.21 -16.42
C ASP B 45 -14.50 4.35 -17.84
N GLY B 46 -14.49 3.26 -18.58
CA GLY B 46 -15.07 3.23 -19.92
C GLY B 46 -14.28 3.98 -20.97
N ILE B 47 -12.96 4.06 -20.81
CA ILE B 47 -12.12 4.79 -21.74
C ILE B 47 -11.02 3.93 -22.37
N GLY B 48 -11.11 2.62 -22.18
CA GLY B 48 -10.08 1.71 -22.68
C GLY B 48 -10.31 1.21 -24.09
N ASP B 49 -11.27 1.82 -24.78
CA ASP B 49 -11.59 1.48 -26.17
C ASP B 49 -11.83 -0.01 -26.39
N GLU B 50 -12.57 -0.63 -25.47
CA GLU B 50 -13.02 -2.01 -25.66
C GLU B 50 -14.49 -2.05 -25.32
N ASN B 51 -15.15 -3.15 -25.65
CA ASN B 51 -16.48 -3.39 -25.13
C ASN B 51 -16.34 -3.69 -23.66
N GLU B 52 -16.78 -2.77 -22.81
CA GLU B 52 -16.40 -2.79 -21.40
C GLU B 52 -17.46 -2.21 -20.48
N ASP B 53 -18.71 -2.21 -20.92
CA ASP B 53 -19.80 -1.72 -20.08
C ASP B 53 -20.03 -2.67 -18.90
N ARG B 54 -19.64 -3.92 -19.07
CA ARG B 54 -19.74 -4.94 -18.02
C ARG B 54 -18.43 -5.14 -17.25
N ALA B 55 -17.51 -4.18 -17.34
CA ALA B 55 -16.22 -4.29 -16.67
C ALA B 55 -16.36 -4.60 -15.18
N LEU B 56 -17.19 -3.81 -14.50
CA LEU B 56 -17.38 -4.00 -13.06
C LEU B 56 -18.03 -5.35 -12.76
N GLU B 57 -18.96 -5.78 -13.62
CA GLU B 57 -19.56 -7.10 -13.46
C GLU B 57 -18.49 -8.19 -13.54
N ALA B 58 -17.59 -8.05 -14.49
CA ALA B 58 -16.51 -9.02 -14.68
C ALA B 58 -15.56 -9.06 -13.48
N LEU B 59 -15.24 -7.89 -12.92
CA LEU B 59 -14.37 -7.81 -11.75
C LEU B 59 -15.00 -8.56 -10.58
N LYS B 60 -16.25 -8.24 -10.28
CA LYS B 60 -16.96 -8.90 -9.20
C LYS B 60 -16.99 -10.41 -9.44
N LEU B 61 -17.22 -10.84 -10.68
CA LEU B 61 -17.35 -12.26 -10.96
C LEU B 61 -16.02 -12.99 -10.74
N ALA B 62 -14.95 -12.36 -11.18
CA ALA B 62 -13.62 -12.94 -11.04
C ALA B 62 -13.35 -13.19 -9.57
N LEU B 63 -13.60 -12.17 -8.74
CA LEU B 63 -13.31 -12.27 -7.31
C LEU B 63 -14.23 -13.26 -6.57
N ASP B 64 -15.53 -13.21 -6.86
CA ASP B 64 -16.51 -14.10 -6.24
C ASP B 64 -16.21 -15.55 -6.63
N SER B 65 -15.64 -15.74 -7.81
CA SER B 65 -15.34 -17.08 -8.30
C SER B 65 -14.00 -17.60 -7.75
N GLY B 66 -13.30 -16.78 -6.98
CA GLY B 66 -12.05 -17.20 -6.37
C GLY B 66 -10.80 -17.03 -7.23
N HIS B 67 -10.91 -16.30 -8.33
CA HIS B 67 -9.74 -16.02 -9.15
C HIS B 67 -8.89 -14.91 -8.53
N ILE B 68 -7.59 -14.95 -8.81
CA ILE B 68 -6.68 -13.96 -8.26
C ILE B 68 -6.63 -12.70 -9.12
N VAL B 69 -6.80 -11.53 -8.51
CA VAL B 69 -6.68 -10.28 -9.25
C VAL B 69 -5.32 -9.60 -8.95
N GLY B 70 -4.54 -9.41 -10.00
CA GLY B 70 -3.27 -8.71 -9.93
C GLY B 70 -3.28 -7.41 -10.72
N ASN B 71 -2.16 -6.68 -10.64
CA ASN B 71 -2.05 -5.30 -11.10
C ASN B 71 -1.29 -5.15 -12.42
N HIS B 72 -1.98 -4.69 -13.47
CA HIS B 72 -1.36 -4.50 -14.79
C HIS B 72 -1.19 -3.01 -15.13
N SER B 73 -1.40 -2.14 -14.13
CA SER B 73 -1.38 -0.68 -14.25
C SER B 73 -2.76 -0.15 -14.65
N TYR B 74 -3.02 1.12 -14.33
CA TYR B 74 -4.33 1.73 -14.62
C TYR B 74 -4.65 1.79 -16.12
N ASP B 75 -3.73 2.31 -16.92
CA ASP B 75 -4.02 2.63 -18.32
C ASP B 75 -3.15 1.90 -19.33
N HIS B 76 -2.43 0.88 -18.89
CA HIS B 76 -1.58 0.11 -19.80
C HIS B 76 -0.51 0.99 -20.46
N MET B 77 -0.14 2.07 -19.78
CA MET B 77 0.87 3.01 -20.27
C MET B 77 0.43 3.78 -21.52
N ILE B 78 -0.87 3.85 -21.78
CA ILE B 78 -1.34 4.55 -22.97
C ILE B 78 -1.00 6.04 -22.89
N HIS B 79 -0.84 6.57 -21.67
CA HIS B 79 -0.43 7.97 -21.50
C HIS B 79 0.92 8.27 -22.17
N ASN B 80 1.71 7.23 -22.42
CA ASN B 80 3.00 7.39 -23.09
C ASN B 80 2.90 7.18 -24.61
N CYS B 81 1.70 6.91 -25.09
CA CYS B 81 1.45 6.67 -26.51
C CYS B 81 0.89 7.93 -27.18
N VAL B 82 0.40 8.86 -26.36
CA VAL B 82 -0.24 10.08 -26.87
C VAL B 82 0.35 11.34 -26.24
N GLU B 83 0.11 12.48 -26.87
CA GLU B 83 0.64 13.75 -26.38
C GLU B 83 0.05 14.13 -25.03
N GLU B 84 -1.25 13.93 -24.86
CA GLU B 84 -1.96 14.24 -23.62
C GLU B 84 -3.00 13.18 -23.32
N PHE B 85 -2.98 12.63 -22.11
CA PHE B 85 -3.86 11.52 -21.79
C PHE B 85 -5.28 11.98 -21.45
N GLY B 86 -6.27 11.30 -22.02
CA GLY B 86 -7.67 11.62 -21.78
C GLY B 86 -8.58 10.52 -22.28
N PRO B 87 -9.89 10.73 -22.20
CA PRO B 87 -10.92 9.73 -22.52
C PRO B 87 -10.77 9.08 -23.91
N THR B 88 -10.07 9.72 -24.83
CA THR B 88 -9.98 9.22 -26.20
C THR B 88 -8.65 8.54 -26.51
N SER B 89 -7.72 8.59 -25.56
CA SER B 89 -6.36 8.12 -25.81
C SER B 89 -6.29 6.66 -26.20
N GLY B 90 -7.12 5.81 -25.59
CA GLY B 90 -7.14 4.41 -25.96
C GLY B 90 -7.40 4.27 -27.46
N ALA B 91 -8.47 4.90 -27.92
CA ALA B 91 -8.80 4.90 -29.34
C ALA B 91 -7.65 5.47 -30.16
N ASP B 92 -7.11 6.60 -29.72
CA ASP B 92 -6.05 7.28 -30.44
C ASP B 92 -4.81 6.41 -30.62
N CYS B 93 -4.48 5.59 -29.63
CA CYS B 93 -3.29 4.77 -29.65
C CYS B 93 -3.54 3.55 -30.52
N ASN B 94 -4.77 3.07 -30.52
CA ASN B 94 -5.16 1.98 -31.42
C ASN B 94 -5.13 2.40 -32.89
N ALA B 95 -5.39 3.68 -33.16
CA ALA B 95 -5.28 4.20 -34.52
C ALA B 95 -3.84 4.18 -35.02
N THR B 96 -2.90 4.57 -34.17
CA THR B 96 -1.50 4.65 -34.56
C THR B 96 -0.78 3.31 -34.43
N GLY B 97 -1.24 2.46 -33.52
CA GLY B 97 -0.58 1.19 -33.26
C GLY B 97 0.83 1.38 -32.69
N ASN B 98 1.03 2.47 -31.96
CA ASN B 98 2.34 2.80 -31.41
C ASN B 98 2.51 2.39 -29.94
N HIS B 99 1.75 1.37 -29.52
CA HIS B 99 1.77 0.93 -28.12
C HIS B 99 3.19 0.59 -27.65
N GLN B 100 3.97 -0.02 -28.53
CA GLN B 100 5.28 -0.53 -28.15
C GLN B 100 6.41 0.48 -28.35
N ILE B 101 6.06 1.71 -28.73
CA ILE B 101 7.05 2.77 -28.94
C ILE B 101 6.95 3.85 -27.85
N HIS B 102 8.07 4.16 -27.20
CA HIS B 102 8.09 5.10 -26.08
C HIS B 102 7.11 4.68 -24.99
N SER B 103 6.87 3.38 -24.85
CA SER B 103 5.90 2.86 -23.90
C SER B 103 6.18 3.27 -22.46
N TYR B 104 7.46 3.37 -22.11
CA TYR B 104 7.87 3.85 -20.79
C TYR B 104 8.79 5.05 -20.96
N GLN B 105 8.56 6.10 -20.16
CA GLN B 105 9.32 7.33 -20.28
C GLN B 105 9.81 7.81 -18.90
N ASP B 106 8.90 8.40 -18.12
CA ASP B 106 9.18 8.78 -16.73
C ASP B 106 8.80 7.62 -15.85
N PRO B 107 9.81 6.88 -15.35
CA PRO B 107 9.51 5.66 -14.59
C PRO B 107 8.76 5.92 -13.29
N VAL B 108 8.88 7.12 -12.71
CA VAL B 108 8.17 7.45 -11.48
C VAL B 108 6.67 7.60 -11.76
N ARG B 109 6.35 8.31 -12.84
CA ARG B 109 4.98 8.44 -13.29
C ARG B 109 4.40 7.09 -13.73
N ASP B 110 5.22 6.28 -14.40
CA ASP B 110 4.74 5.01 -14.91
C ASP B 110 4.42 4.04 -13.76
N ALA B 111 5.30 4.00 -12.76
CA ALA B 111 5.06 3.17 -11.58
C ALA B 111 3.81 3.63 -10.87
N ALA B 112 3.61 4.95 -10.82
CA ALA B 112 2.46 5.54 -10.19
C ALA B 112 1.14 5.04 -10.77
N SER B 113 1.16 4.63 -12.03
CA SER B 113 -0.05 4.09 -12.66
C SER B 113 -0.51 2.78 -11.98
N PHE B 114 0.42 2.04 -11.39
CA PHE B 114 0.05 0.84 -10.65
C PHE B 114 -0.71 1.19 -9.36
N GLU B 115 -0.32 2.27 -8.69
CA GLU B 115 -1.03 2.71 -7.49
C GLU B 115 -2.40 3.34 -7.83
N GLN B 116 -2.46 4.05 -8.95
CA GLN B 116 -3.71 4.63 -9.41
C GLN B 116 -4.67 3.48 -9.72
N ASN B 117 -4.13 2.39 -10.22
CA ASN B 117 -4.93 1.21 -10.50
C ASN B 117 -5.63 0.74 -9.23
N LEU B 118 -4.92 0.75 -8.11
CA LEU B 118 -5.52 0.37 -6.82
C LEU B 118 -6.63 1.31 -6.44
N ILE B 119 -6.42 2.61 -6.60
CA ILE B 119 -7.47 3.60 -6.27
C ILE B 119 -8.75 3.36 -7.07
N THR B 120 -8.59 3.14 -8.37
CA THR B 120 -9.72 2.96 -9.27
C THR B 120 -10.46 1.66 -8.95
N LEU B 121 -9.73 0.58 -8.71
CA LEU B 121 -10.35 -0.69 -8.36
C LEU B 121 -11.13 -0.58 -7.04
N GLU B 122 -10.54 0.12 -6.07
CA GLU B 122 -11.14 0.23 -4.75
C GLU B 122 -12.20 1.34 -4.72
N LYS B 123 -12.27 2.12 -5.80
CA LYS B 123 -13.37 3.06 -6.02
C LYS B 123 -14.62 2.37 -6.56
N TYR B 124 -14.47 1.62 -7.65
CA TYR B 124 -15.61 0.93 -8.27
C TYR B 124 -16.08 -0.27 -7.46
N LEU B 125 -15.16 -0.90 -6.72
CA LEU B 125 -15.55 -2.00 -5.84
C LEU B 125 -14.97 -1.80 -4.44
N PRO B 126 -15.64 -0.96 -3.63
CA PRO B 126 -15.16 -0.55 -2.31
C PRO B 126 -14.91 -1.69 -1.34
N THR B 127 -15.52 -2.85 -1.60
CA THR B 127 -15.39 -4.01 -0.72
C THR B 127 -14.21 -4.90 -1.11
N ILE B 128 -13.45 -4.48 -2.13
CA ILE B 128 -12.49 -5.38 -2.77
C ILE B 128 -11.42 -5.91 -1.81
N ARG B 129 -11.01 -5.11 -0.84
CA ARG B 129 -9.99 -5.56 0.10
C ARG B 129 -10.49 -6.64 1.06
N SER B 130 -11.79 -6.93 1.05
CA SER B 130 -12.31 -8.01 1.88
C SER B 130 -12.17 -9.37 1.20
N TYR B 131 -11.70 -9.36 -0.05
CA TYR B 131 -11.42 -10.60 -0.76
C TYR B 131 -9.96 -11.01 -0.58
N PRO B 132 -9.70 -12.17 0.02
CA PRO B 132 -8.31 -12.63 0.12
C PRO B 132 -7.65 -12.79 -1.26
N ASN B 133 -8.46 -13.04 -2.29
CA ASN B 133 -7.92 -13.23 -3.64
C ASN B 133 -7.68 -11.93 -4.43
N TYR B 134 -7.99 -10.80 -3.81
CA TYR B 134 -7.54 -9.50 -4.34
C TYR B 134 -6.07 -9.33 -3.98
N LYS B 135 -5.20 -9.40 -4.98
CA LYS B 135 -3.76 -9.25 -4.75
C LYS B 135 -3.23 -8.09 -5.57
N GLY B 136 -4.08 -7.10 -5.81
CA GLY B 136 -3.72 -5.95 -6.62
C GLY B 136 -2.51 -5.22 -6.08
N TYR B 137 -2.31 -5.25 -4.76
CA TYR B 137 -1.21 -4.53 -4.13
C TYR B 137 0.00 -5.42 -3.87
N GLU B 138 -0.05 -6.68 -4.33
CA GLU B 138 1.06 -7.62 -4.16
C GLU B 138 1.65 -8.22 -5.45
N LEU B 139 0.82 -8.41 -6.47
CA LEU B 139 1.23 -9.09 -7.70
C LEU B 139 1.03 -8.18 -8.90
N ALA B 140 2.06 -8.03 -9.73
CA ALA B 140 1.91 -7.19 -10.91
C ALA B 140 2.62 -7.75 -12.12
N ARG B 141 2.32 -7.16 -13.27
CA ARG B 141 3.00 -7.48 -14.50
C ARG B 141 3.03 -6.23 -15.36
N LEU B 142 4.18 -5.93 -15.93
CA LEU B 142 4.34 -4.73 -16.73
C LEU B 142 3.77 -4.95 -18.12
N PRO B 143 3.02 -3.95 -18.62
CA PRO B 143 2.59 -3.96 -20.01
C PRO B 143 3.76 -4.19 -20.98
N TYR B 144 3.54 -5.06 -21.96
CA TYR B 144 4.48 -5.28 -23.07
C TYR B 144 5.69 -6.12 -22.72
N THR B 145 5.86 -6.43 -21.44
CA THR B 145 7.19 -6.75 -20.93
C THR B 145 7.28 -8.06 -20.17
N ASN B 146 8.07 -8.98 -20.71
CA ASN B 146 8.33 -10.26 -20.07
C ASN B 146 9.46 -10.05 -19.06
N GLY B 147 9.08 -9.50 -17.91
CA GLY B 147 10.02 -9.10 -16.88
C GLY B 147 9.60 -9.66 -15.52
N TRP B 148 10.58 -9.91 -14.66
CA TRP B 148 10.39 -10.73 -13.48
C TRP B 148 11.08 -10.09 -12.28
N ARG B 149 10.32 -9.96 -11.20
CA ARG B 149 10.87 -9.64 -9.89
C ARG B 149 10.23 -10.63 -8.92
N VAL B 150 10.89 -11.76 -8.69
CA VAL B 150 10.30 -12.87 -7.94
C VAL B 150 10.99 -13.02 -6.59
N THR B 151 12.30 -13.19 -6.62
CA THR B 151 13.07 -13.24 -5.38
C THR B 151 14.34 -12.43 -5.59
N LYS B 152 15.11 -12.28 -4.52
CA LYS B 152 16.37 -11.58 -4.58
C LYS B 152 17.29 -12.16 -5.68
N HIS B 153 17.27 -13.49 -5.86
CA HIS B 153 18.01 -14.14 -6.93
C HIS B 153 17.21 -14.69 -8.10
N PHE B 154 15.99 -14.20 -8.28
CA PHE B 154 15.16 -14.58 -9.42
C PHE B 154 14.55 -13.27 -9.93
N GLN B 155 15.29 -12.59 -10.79
CA GLN B 155 14.78 -11.40 -11.47
C GLN B 155 15.49 -11.21 -12.81
N ALA B 156 14.76 -10.69 -13.78
CA ALA B 156 15.30 -10.53 -15.13
C ALA B 156 14.39 -9.67 -15.96
N ASP B 157 14.93 -8.97 -16.94
CA ASP B 157 14.11 -8.01 -17.69
C ASP B 157 13.92 -8.39 -19.15
N GLY B 158 12.90 -7.81 -19.77
CA GLY B 158 12.67 -7.96 -21.19
C GLY B 158 13.41 -6.85 -21.89
N LEU B 159 14.60 -7.16 -22.38
CA LEU B 159 15.55 -6.12 -22.82
C LEU B 159 15.25 -5.58 -24.22
N CYS B 160 14.25 -6.14 -24.90
CA CYS B 160 13.79 -5.60 -26.18
C CYS B 160 12.27 -5.52 -26.23
N ALA B 161 11.65 -5.37 -25.06
CA ALA B 161 10.20 -5.39 -24.97
C ALA B 161 9.58 -4.18 -25.64
N THR B 162 10.23 -3.02 -25.52
CA THR B 162 9.70 -1.79 -26.08
C THR B 162 10.80 -0.98 -26.79
N SER B 163 10.38 -0.06 -27.67
CA SER B 163 11.31 0.58 -28.60
C SER B 163 11.26 2.10 -28.58
N ASP B 164 12.36 2.71 -29.01
CA ASP B 164 12.48 4.16 -29.10
C ASP B 164 12.11 4.68 -30.48
N ASN B 165 11.90 3.78 -31.44
CA ASN B 165 11.65 4.21 -32.82
C ASN B 165 10.82 3.21 -33.63
N LEU B 166 11.44 2.13 -34.07
CA LEU B 166 10.78 1.17 -34.95
C LEU B 166 10.14 0.04 -34.17
N LYS B 167 9.17 -0.63 -34.80
CA LYS B 167 8.57 -1.82 -34.24
C LYS B 167 9.33 -3.04 -34.74
N PRO B 168 9.30 -4.14 -33.98
CA PRO B 168 10.17 -5.30 -34.25
C PRO B 168 9.99 -5.90 -35.66
N TRP B 169 8.85 -5.68 -36.29
CA TRP B 169 8.57 -6.26 -37.60
C TRP B 169 8.89 -5.31 -38.75
N GLU B 170 9.09 -4.03 -38.43
CA GLU B 170 9.41 -3.04 -39.46
C GLU B 170 10.86 -3.21 -39.90
N PRO B 171 11.16 -2.90 -41.17
CA PRO B 171 12.52 -3.08 -41.68
C PRO B 171 13.50 -2.14 -41.00
N GLY B 172 14.71 -2.62 -40.76
CA GLY B 172 15.75 -1.80 -40.15
C GLY B 172 15.67 -1.81 -38.63
N TYR B 173 14.69 -2.52 -38.07
CA TYR B 173 14.56 -2.60 -36.62
C TYR B 173 15.74 -3.36 -36.02
N VAL B 174 16.34 -2.79 -34.99
CA VAL B 174 17.48 -3.41 -34.33
C VAL B 174 17.25 -3.61 -32.84
N CYS B 175 17.66 -4.76 -32.33
CA CYS B 175 17.55 -5.07 -30.92
C CYS B 175 18.93 -5.37 -30.35
N ASP B 176 19.39 -4.52 -29.45
CA ASP B 176 20.65 -4.77 -28.76
C ASP B 176 20.40 -4.90 -27.26
N PRO B 177 20.27 -6.14 -26.76
CA PRO B 177 19.99 -6.33 -25.33
C PRO B 177 21.09 -5.76 -24.44
N ALA B 178 22.32 -5.68 -24.94
CA ALA B 178 23.44 -5.17 -24.15
C ALA B 178 23.39 -3.65 -24.01
N ASN B 179 22.63 -3.00 -24.90
CA ASN B 179 22.42 -1.55 -24.82
C ASN B 179 20.97 -1.24 -25.19
N PRO B 180 20.04 -1.54 -24.26
CA PRO B 180 18.61 -1.51 -24.56
C PRO B 180 18.09 -0.10 -24.83
N SER B 181 16.85 -0.05 -25.30
CA SER B 181 16.20 1.21 -25.61
C SER B 181 15.96 2.03 -24.34
N ASN B 182 15.77 3.33 -24.51
CA ASN B 182 15.40 4.18 -23.39
C ASN B 182 14.08 3.74 -22.76
N SER B 183 13.17 3.24 -23.60
CA SER B 183 11.88 2.75 -23.09
C SER B 183 12.13 1.55 -22.18
N VAL B 184 12.99 0.64 -22.62
CA VAL B 184 13.29 -0.55 -21.84
C VAL B 184 13.96 -0.18 -20.52
N LYS B 185 14.94 0.73 -20.55
CA LYS B 185 15.62 1.16 -19.34
C LYS B 185 14.64 1.75 -18.33
N ALA B 186 13.69 2.54 -18.84
CA ALA B 186 12.66 3.10 -17.98
C ALA B 186 11.84 1.99 -17.34
N SER B 187 11.46 0.99 -18.14
CA SER B 187 10.66 -0.11 -17.64
C SER B 187 11.40 -0.88 -16.55
N ILE B 188 12.72 -0.99 -16.68
CA ILE B 188 13.53 -1.66 -15.67
C ILE B 188 13.44 -0.89 -14.34
N GLN B 189 13.52 0.43 -14.40
CA GLN B 189 13.31 1.24 -13.20
C GLN B 189 11.91 1.09 -12.61
N VAL B 190 10.90 0.99 -13.47
CA VAL B 190 9.53 0.73 -12.99
C VAL B 190 9.47 -0.59 -12.20
N GLN B 191 10.07 -1.65 -12.74
CA GLN B 191 10.16 -2.93 -12.04
C GLN B 191 10.72 -2.72 -10.64
N ASN B 192 11.83 -1.99 -10.56
CA ASN B 192 12.48 -1.76 -9.27
C ASN B 192 11.65 -0.95 -8.28
N ILE B 193 10.91 0.05 -8.77
CA ILE B 193 10.08 0.88 -7.90
C ILE B 193 8.98 0.01 -7.29
N LEU B 194 8.35 -0.79 -8.13
CA LEU B 194 7.29 -1.69 -7.69
C LEU B 194 7.81 -2.69 -6.68
N ALA B 195 8.99 -3.24 -6.93
CA ALA B 195 9.56 -4.22 -6.01
C ALA B 195 9.75 -3.59 -4.64
N ASN B 196 10.22 -2.35 -4.60
CA ASN B 196 10.38 -1.63 -3.34
C ASN B 196 9.06 -1.29 -2.64
N GLN B 197 7.96 -1.40 -3.37
CA GLN B 197 6.63 -1.26 -2.76
C GLN B 197 6.06 -2.61 -2.34
N GLY B 198 6.86 -3.68 -2.48
CA GLY B 198 6.45 -5.00 -2.03
C GLY B 198 5.83 -5.88 -3.12
N TYR B 199 5.82 -5.40 -4.36
CA TYR B 199 5.29 -6.23 -5.44
C TYR B 199 6.28 -7.32 -5.86
N GLN B 200 5.73 -8.47 -6.23
CA GLN B 200 6.39 -9.36 -7.16
C GLN B 200 5.85 -9.06 -8.56
N THR B 201 6.69 -9.24 -9.57
CA THR B 201 6.23 -9.20 -10.96
C THR B 201 6.67 -10.48 -11.66
N HIS B 202 5.82 -10.99 -12.54
CA HIS B 202 6.12 -12.22 -13.27
C HIS B 202 5.87 -12.02 -14.76
N GLY B 203 6.69 -12.66 -15.58
CA GLY B 203 6.50 -12.68 -17.02
C GLY B 203 5.74 -13.93 -17.42
N TRP B 204 6.13 -14.53 -18.54
CA TRP B 204 5.46 -15.72 -19.02
C TRP B 204 6.40 -16.65 -19.79
N ASP B 205 5.95 -17.90 -19.93
CA ASP B 205 6.68 -18.91 -20.70
C ASP B 205 6.11 -19.08 -22.10
N VAL B 206 4.79 -19.05 -22.21
CA VAL B 206 4.13 -19.19 -23.50
C VAL B 206 2.97 -18.19 -23.59
N ASP B 207 2.71 -17.73 -24.80
CA ASP B 207 1.72 -16.70 -25.07
C ASP B 207 0.66 -17.29 -26.00
N TRP B 208 -0.55 -17.48 -25.50
CA TRP B 208 -1.63 -18.06 -26.31
C TRP B 208 -2.27 -16.95 -27.13
N ALA B 209 -1.89 -16.89 -28.40
CA ALA B 209 -2.19 -15.75 -29.26
C ALA B 209 -2.48 -16.20 -30.69
N PRO B 210 -2.98 -15.27 -31.53
CA PRO B 210 -3.18 -15.60 -32.95
C PRO B 210 -1.97 -16.27 -33.55
N GLU B 211 -2.18 -17.34 -34.31
CA GLU B 211 -1.10 -17.96 -35.04
C GLU B 211 -0.85 -17.15 -36.31
N ASN B 212 -1.76 -16.23 -36.63
CA ASN B 212 -1.64 -15.40 -37.83
C ASN B 212 -2.29 -14.03 -37.60
N TRP B 213 -1.46 -13.01 -37.48
CA TRP B 213 -1.96 -11.66 -37.24
C TRP B 213 -2.30 -10.91 -38.52
N GLY B 214 -2.11 -11.56 -39.67
CA GLY B 214 -2.27 -10.91 -40.96
C GLY B 214 -3.63 -11.07 -41.60
N ILE B 215 -4.53 -11.81 -40.95
CA ILE B 215 -5.90 -11.96 -41.46
C ILE B 215 -6.76 -10.87 -40.82
N PRO B 216 -7.97 -10.67 -41.34
CA PRO B 216 -8.80 -9.60 -40.77
C PRO B 216 -9.48 -9.98 -39.45
N MET B 217 -9.48 -11.27 -39.13
CA MET B 217 -10.00 -11.76 -37.86
C MET B 217 -8.97 -12.66 -37.16
N PRO B 218 -7.84 -12.07 -36.75
CA PRO B 218 -6.69 -12.82 -36.22
C PRO B 218 -7.04 -13.70 -35.02
N ALA B 219 -8.01 -13.28 -34.22
CA ALA B 219 -8.43 -14.06 -33.06
C ALA B 219 -8.82 -15.46 -33.50
N ASN B 220 -9.36 -15.58 -34.71
CA ASN B 220 -9.79 -16.88 -35.23
C ASN B 220 -8.67 -17.91 -35.27
N SER B 221 -7.44 -17.44 -35.43
CA SER B 221 -6.29 -18.33 -35.56
C SER B 221 -5.59 -18.67 -34.23
N LEU B 222 -6.24 -18.38 -33.12
CA LEU B 222 -5.69 -18.78 -31.82
C LEU B 222 -5.37 -20.27 -31.87
N THR B 223 -4.17 -20.63 -31.41
CA THR B 223 -3.73 -22.02 -31.45
C THR B 223 -4.79 -22.95 -30.87
N GLU B 224 -5.03 -24.07 -31.55
CA GLU B 224 -6.01 -25.03 -31.07
C GLU B 224 -5.50 -25.69 -29.79
N ALA B 225 -6.43 -26.27 -29.04
CA ALA B 225 -6.11 -26.86 -27.73
C ALA B 225 -4.95 -27.85 -27.78
N VAL B 226 -5.01 -28.82 -28.69
CA VAL B 226 -4.00 -29.88 -28.74
C VAL B 226 -2.60 -29.38 -29.05
N PRO B 227 -2.43 -28.61 -30.14
CA PRO B 227 -1.10 -28.06 -30.41
C PRO B 227 -0.62 -27.07 -29.35
N PHE B 228 -1.54 -26.36 -28.69
CA PHE B 228 -1.13 -25.46 -27.63
C PHE B 228 -0.59 -26.24 -26.44
N LEU B 229 -1.22 -27.37 -26.14
CA LEU B 229 -0.74 -28.26 -25.10
C LEU B 229 0.65 -28.74 -25.48
N ALA B 230 0.87 -28.98 -26.77
CA ALA B 230 2.21 -29.32 -27.23
C ALA B 230 3.22 -28.21 -26.92
N TYR B 231 2.83 -26.95 -27.10
CA TYR B 231 3.67 -25.81 -26.71
C TYR B 231 4.03 -25.84 -25.23
N VAL B 232 3.04 -26.15 -24.40
CA VAL B 232 3.24 -26.23 -22.95
C VAL B 232 4.23 -27.34 -22.58
N ASP B 233 4.06 -28.52 -23.16
CA ASP B 233 4.98 -29.63 -22.95
C ASP B 233 6.39 -29.20 -23.30
N LYS B 234 6.52 -28.51 -24.43
CA LYS B 234 7.81 -28.05 -24.92
C LYS B 234 8.45 -27.08 -23.93
N ALA B 235 7.63 -26.20 -23.35
CA ALA B 235 8.10 -25.18 -22.44
C ALA B 235 8.52 -25.73 -21.08
N LEU B 236 7.91 -26.84 -20.66
CA LEU B 236 8.20 -27.42 -19.36
C LEU B 236 9.71 -27.67 -19.19
N ASN B 237 10.30 -26.94 -18.25
CA ASN B 237 11.70 -27.09 -17.89
C ASN B 237 12.69 -26.82 -19.02
N SER B 238 12.35 -25.93 -19.94
CA SER B 238 13.20 -25.66 -21.10
C SER B 238 13.53 -24.17 -21.29
N CYS B 239 13.37 -23.40 -20.22
CA CYS B 239 13.70 -21.98 -20.22
C CYS B 239 13.12 -21.21 -21.41
N SER B 240 11.82 -21.33 -21.60
CA SER B 240 11.12 -20.71 -22.72
C SER B 240 11.28 -19.20 -22.82
N PRO B 241 11.35 -18.50 -21.68
CA PRO B 241 11.44 -17.04 -21.80
C PRO B 241 12.65 -16.59 -22.63
N THR B 242 13.67 -17.43 -22.78
CA THR B 242 14.84 -17.07 -23.57
C THR B 242 14.67 -17.38 -25.06
N THR B 243 13.85 -18.39 -25.37
CA THR B 243 13.73 -18.86 -26.75
C THR B 243 12.46 -18.39 -27.44
N ILE B 244 11.55 -17.83 -26.66
CA ILE B 244 10.24 -17.43 -27.15
C ILE B 244 10.34 -16.39 -28.26
N GLU B 245 9.36 -16.40 -29.17
CA GLU B 245 9.25 -15.38 -30.20
C GLU B 245 7.87 -14.75 -30.09
N PRO B 246 7.74 -13.46 -30.44
CA PRO B 246 8.78 -12.62 -31.07
C PRO B 246 9.84 -12.12 -30.10
N ILE B 247 10.82 -11.41 -30.65
CA ILE B 247 11.97 -10.95 -29.90
C ILE B 247 11.60 -10.04 -28.72
N ASN B 248 10.51 -9.31 -28.87
CA ASN B 248 10.07 -8.37 -27.83
C ASN B 248 9.36 -9.06 -26.67
N SER B 249 9.23 -10.39 -26.77
CA SER B 249 8.65 -11.18 -25.68
C SER B 249 9.73 -11.95 -24.92
N LYS B 250 10.98 -11.78 -25.32
CA LYS B 250 12.09 -12.50 -24.69
C LYS B 250 12.47 -11.92 -23.34
N THR B 251 12.87 -12.81 -22.43
CA THR B 251 13.59 -12.46 -21.21
C THR B 251 14.99 -13.03 -21.38
N GLN B 252 15.91 -12.23 -21.93
CA GLN B 252 17.21 -12.74 -22.37
C GLN B 252 18.02 -13.39 -21.25
N GLU B 253 17.98 -12.79 -20.07
CA GLU B 253 18.79 -13.26 -18.95
C GLU B 253 17.97 -14.00 -17.89
N PHE B 254 16.84 -14.58 -18.30
CA PHE B 254 16.08 -15.43 -17.38
C PHE B 254 17.02 -16.48 -16.79
N PRO B 255 16.91 -16.74 -15.48
CA PRO B 255 17.77 -17.72 -14.81
C PRO B 255 17.34 -19.15 -15.10
N CYS B 256 17.70 -19.64 -16.27
CA CYS B 256 17.34 -21.00 -16.67
C CYS B 256 17.68 -21.99 -15.57
N GLY B 257 16.71 -22.83 -15.22
CA GLY B 257 16.96 -23.91 -14.29
C GLY B 257 16.78 -23.52 -12.83
N THR B 258 16.46 -22.26 -12.58
CA THR B 258 16.24 -21.82 -11.20
C THR B 258 15.12 -22.65 -10.56
N PRO B 259 15.37 -23.19 -9.36
CA PRO B 259 14.46 -24.14 -8.73
C PRO B 259 13.00 -23.69 -8.65
N LEU B 260 12.77 -22.40 -8.41
CA LEU B 260 11.41 -21.90 -8.22
C LEU B 260 10.58 -22.03 -9.51
N HIS B 261 11.26 -22.12 -10.65
CA HIS B 261 10.58 -22.23 -11.93
C HIS B 261 10.46 -23.67 -12.44
N ALA B 262 11.08 -24.61 -11.73
CA ALA B 262 11.04 -26.02 -12.13
C ALA B 262 9.61 -26.55 -12.20
N ASP B 263 9.34 -27.32 -13.26
CA ASP B 263 8.06 -27.99 -13.45
C ASP B 263 6.86 -27.03 -13.49
N LYS B 264 7.11 -25.82 -13.99
CA LYS B 264 6.05 -24.82 -14.08
C LYS B 264 6.02 -24.18 -15.47
N VAL B 265 4.83 -23.87 -15.93
CA VAL B 265 4.64 -23.12 -17.17
C VAL B 265 3.60 -22.04 -16.95
N ILE B 266 4.01 -20.78 -17.08
CA ILE B 266 3.09 -19.65 -17.01
C ILE B 266 2.59 -19.33 -18.42
N VAL B 267 1.27 -19.40 -18.60
CA VAL B 267 0.64 -19.02 -19.86
C VAL B 267 0.12 -17.60 -19.81
N LEU B 268 0.54 -16.80 -20.79
CA LEU B 268 -0.07 -15.50 -21.01
C LEU B 268 -1.12 -15.56 -22.11
N THR B 269 -2.29 -14.98 -21.86
CA THR B 269 -3.25 -14.73 -22.91
C THR B 269 -4.03 -13.45 -22.56
N HIS B 270 -5.00 -13.09 -23.39
CA HIS B 270 -5.73 -11.85 -23.21
C HIS B 270 -7.22 -12.11 -23.28
N ASP B 271 -7.97 -11.51 -22.36
CA ASP B 271 -9.41 -11.68 -22.31
C ASP B 271 -10.05 -11.39 -23.68
N PHE B 272 -9.56 -10.34 -24.35
CA PHE B 272 -10.23 -9.88 -25.58
C PHE B 272 -10.02 -10.80 -26.79
N LEU B 273 -9.21 -11.84 -26.63
CA LEU B 273 -9.06 -12.83 -27.68
C LEU B 273 -10.19 -13.83 -27.65
N PHE B 274 -11.06 -13.70 -26.64
CA PHE B 274 -12.16 -14.63 -26.46
C PHE B 274 -13.48 -13.88 -26.63
N GLU B 275 -13.42 -12.85 -27.47
CA GLU B 275 -14.59 -12.02 -27.74
C GLU B 275 -14.97 -12.13 -29.20
N ASP B 276 -16.27 -12.14 -29.48
CA ASP B 276 -16.75 -11.96 -30.84
C ASP B 276 -16.77 -10.45 -31.11
N GLY B 277 -15.79 -9.96 -31.85
CA GLY B 277 -15.65 -8.53 -32.06
C GLY B 277 -14.63 -8.14 -33.10
N LYS B 278 -13.99 -7.00 -32.88
CA LYS B 278 -13.12 -6.40 -33.88
C LYS B 278 -11.90 -7.26 -34.22
N ARG B 279 -11.54 -8.19 -33.35
CA ARG B 279 -10.40 -9.05 -33.60
C ARG B 279 -10.81 -10.41 -34.17
N GLY B 280 -12.12 -10.65 -34.26
CA GLY B 280 -12.60 -11.89 -34.83
C GLY B 280 -13.68 -12.55 -34.00
N MET B 281 -13.99 -13.80 -34.30
CA MET B 281 -15.01 -14.54 -33.58
C MET B 281 -14.41 -15.26 -32.37
N GLY B 282 -13.88 -14.48 -31.44
CA GLY B 282 -13.13 -15.03 -30.33
C GLY B 282 -13.94 -15.86 -29.36
N ALA B 283 -15.15 -15.41 -29.06
CA ALA B 283 -16.00 -16.14 -28.13
C ALA B 283 -16.41 -17.48 -28.74
N THR B 284 -16.88 -17.45 -29.97
CA THR B 284 -17.42 -18.64 -30.61
C THR B 284 -16.33 -19.68 -30.91
N GLN B 285 -15.17 -19.23 -31.35
CA GLN B 285 -14.11 -20.15 -31.75
C GLN B 285 -13.13 -20.51 -30.64
N ASN B 286 -12.88 -19.59 -29.72
CA ASN B 286 -11.78 -19.76 -28.76
C ASN B 286 -12.18 -20.22 -27.37
N LEU B 287 -13.39 -19.89 -26.93
CA LEU B 287 -13.86 -20.40 -25.65
C LEU B 287 -13.85 -21.94 -25.64
N PRO B 288 -14.26 -22.58 -26.74
CA PRO B 288 -14.14 -24.04 -26.80
C PRO B 288 -12.68 -24.51 -26.76
N LYS B 289 -11.78 -23.73 -27.33
CA LYS B 289 -10.36 -24.07 -27.27
C LYS B 289 -9.89 -24.06 -25.82
N LEU B 290 -10.23 -23.00 -25.09
CA LEU B 290 -9.86 -22.88 -23.69
C LEU B 290 -10.40 -24.06 -22.88
N ALA B 291 -11.70 -24.30 -23.00
CA ALA B 291 -12.35 -25.38 -22.28
C ALA B 291 -11.67 -26.71 -22.55
N GLU B 292 -11.38 -26.98 -23.81
CA GLU B 292 -10.74 -28.23 -24.19
C GLU B 292 -9.33 -28.31 -23.64
N PHE B 293 -8.59 -27.21 -23.72
CA PHE B 293 -7.23 -27.19 -23.23
C PHE B 293 -7.18 -27.59 -21.77
N ILE B 294 -8.06 -26.99 -20.96
CA ILE B 294 -8.08 -27.31 -19.55
C ILE B 294 -8.29 -28.81 -19.35
N ARG B 295 -9.27 -29.37 -20.06
CA ARG B 295 -9.59 -30.79 -19.93
C ARG B 295 -8.41 -31.69 -20.29
N ILE B 296 -7.79 -31.46 -21.45
CA ILE B 296 -6.74 -32.34 -21.90
C ILE B 296 -5.43 -32.12 -21.12
N ALA B 297 -5.22 -30.91 -20.61
CA ALA B 297 -4.05 -30.63 -19.80
C ALA B 297 -4.13 -31.45 -18.51
N LYS B 298 -5.29 -31.43 -17.89
CA LYS B 298 -5.53 -32.23 -16.69
C LYS B 298 -5.35 -33.71 -16.98
N GLU B 299 -5.92 -34.17 -18.09
CA GLU B 299 -5.78 -35.56 -18.51
C GLU B 299 -4.31 -35.91 -18.66
N ALA B 300 -3.50 -34.96 -19.11
CA ALA B 300 -2.08 -35.20 -19.34
C ALA B 300 -1.27 -35.19 -18.04
N GLY B 301 -1.91 -34.84 -16.93
CA GLY B 301 -1.25 -34.86 -15.63
C GLY B 301 -0.86 -33.49 -15.08
N TYR B 302 -1.25 -32.43 -15.77
CA TYR B 302 -0.97 -31.08 -15.29
C TYR B 302 -2.00 -30.68 -14.24
N VAL B 303 -1.59 -29.84 -13.28
CA VAL B 303 -2.54 -29.19 -12.39
C VAL B 303 -2.45 -27.68 -12.62
N PHE B 304 -3.53 -26.97 -12.32
CA PHE B 304 -3.56 -25.52 -12.52
C PHE B 304 -3.49 -24.80 -11.18
N ASP B 305 -2.73 -23.70 -11.13
CA ASP B 305 -2.61 -22.91 -9.92
C ASP B 305 -2.52 -21.43 -10.28
N THR B 306 -2.48 -20.59 -9.24
CA THR B 306 -2.45 -19.15 -9.39
C THR B 306 -1.16 -18.53 -8.89
N MET B 307 -0.95 -17.27 -9.23
CA MET B 307 0.37 -16.66 -9.13
C MET B 307 0.69 -16.29 -7.70
N ASP B 308 -0.33 -16.26 -6.85
CA ASP B 308 -0.11 -16.08 -5.42
C ASP B 308 0.55 -17.31 -4.81
N ASN B 309 0.57 -18.41 -5.55
CA ASN B 309 1.16 -19.67 -5.07
C ASN B 309 2.38 -20.07 -5.88
N TYR B 310 2.73 -19.25 -6.88
CA TYR B 310 3.87 -19.54 -7.73
C TYR B 310 5.10 -19.70 -6.85
N THR B 311 5.25 -18.75 -5.93
CA THR B 311 6.17 -18.89 -4.82
C THR B 311 5.33 -19.53 -3.71
N PRO B 312 5.67 -20.78 -3.33
CA PRO B 312 4.76 -21.54 -2.47
C PRO B 312 4.57 -20.87 -1.12
N ARG B 313 3.33 -20.88 -0.63
CA ARG B 313 3.04 -20.23 0.64
C ARG B 313 3.59 -21.11 1.76
N TRP B 314 4.17 -20.46 2.77
CA TRP B 314 4.66 -21.16 3.95
C TRP B 314 3.52 -21.93 4.60
N SER B 315 3.78 -23.16 5.02
CA SER B 315 2.74 -23.97 5.66
C SER B 315 3.32 -24.82 6.77
N VAL B 316 2.67 -24.76 7.94
CA VAL B 316 3.21 -25.49 9.08
C VAL B 316 3.09 -26.98 8.84
N GLY B 317 4.07 -27.72 9.34
CA GLY B 317 4.12 -29.16 9.14
C GLY B 317 4.94 -29.57 7.92
N LYS B 318 5.15 -28.64 6.99
CA LYS B 318 5.92 -28.96 5.80
C LYS B 318 7.42 -28.91 6.10
N THR B 319 8.19 -29.76 5.44
CA THR B 319 9.64 -29.74 5.57
C THR B 319 10.25 -28.88 4.47
N TYR B 320 11.20 -28.04 4.87
CA TYR B 320 11.89 -27.17 3.95
C TYR B 320 13.38 -27.48 4.00
N GLN B 321 14.06 -27.27 2.89
CA GLN B 321 15.49 -27.47 2.81
C GLN B 321 16.18 -26.11 2.78
N ALA B 322 17.45 -26.10 3.13
CA ALA B 322 18.23 -24.88 3.07
C ALA B 322 18.16 -24.28 1.67
N GLY B 323 17.85 -22.99 1.60
CA GLY B 323 17.82 -22.29 0.33
C GLY B 323 16.49 -22.29 -0.37
N GLU B 324 15.50 -22.97 0.21
CA GLU B 324 14.17 -23.01 -0.40
C GLU B 324 13.37 -21.74 -0.09
N TYR B 325 12.56 -21.32 -1.06
CA TYR B 325 11.80 -20.07 -0.95
C TYR B 325 10.33 -20.31 -0.63
N VAL B 326 9.76 -19.45 0.19
CA VAL B 326 8.32 -19.44 0.46
C VAL B 326 7.80 -18.02 0.43
N LEU B 327 6.49 -17.88 0.34
CA LEU B 327 5.86 -16.58 0.47
C LEU B 327 5.13 -16.61 1.80
N TYR B 328 5.28 -15.56 2.60
CA TYR B 328 4.54 -15.47 3.85
C TYR B 328 4.04 -14.05 4.10
N GLN B 329 2.73 -13.89 4.12
CA GLN B 329 2.11 -12.59 4.30
C GLN B 329 2.64 -11.62 3.27
N GLY B 330 2.81 -12.10 2.03
CA GLY B 330 3.23 -11.26 0.91
C GLY B 330 4.72 -11.01 0.79
N VAL B 331 5.51 -11.54 1.72
CA VAL B 331 6.95 -11.34 1.73
C VAL B 331 7.65 -12.65 1.42
N VAL B 332 8.69 -12.58 0.59
CA VAL B 332 9.46 -13.77 0.21
C VAL B 332 10.53 -14.06 1.25
N TYR B 333 10.66 -15.32 1.64
CA TYR B 333 11.68 -15.74 2.60
C TYR B 333 12.43 -16.96 2.07
N LYS B 334 13.66 -17.13 2.54
CA LYS B 334 14.55 -18.19 2.08
C LYS B 334 15.02 -18.94 3.32
N ALA B 335 14.91 -20.27 3.31
CA ALA B 335 15.23 -21.08 4.49
C ALA B 335 16.73 -21.12 4.79
N VAL B 336 17.07 -21.01 6.07
CA VAL B 336 18.46 -20.99 6.49
C VAL B 336 18.99 -22.41 6.67
N ILE B 337 18.20 -23.28 7.28
CA ILE B 337 18.56 -24.68 7.42
C ILE B 337 17.39 -25.59 7.12
N SER B 338 17.67 -26.87 6.92
CA SER B 338 16.64 -27.87 6.75
C SER B 338 15.85 -27.99 8.05
N HIS B 339 14.52 -27.98 7.96
CA HIS B 339 13.69 -28.04 9.14
C HIS B 339 12.23 -28.26 8.79
N THR B 340 11.43 -28.57 9.80
CA THR B 340 10.00 -28.71 9.64
C THR B 340 9.28 -27.52 10.29
N ALA B 341 8.43 -26.87 9.52
CA ALA B 341 7.78 -25.65 9.97
C ALA B 341 6.87 -25.93 11.16
N GLN B 342 7.00 -25.11 12.20
CA GLN B 342 6.14 -25.18 13.36
C GLN B 342 5.31 -23.90 13.47
N GLN B 343 4.11 -24.04 14.03
CA GLN B 343 3.18 -22.95 14.26
C GLN B 343 3.82 -21.65 14.75
N ASP B 344 4.60 -21.75 15.81
CA ASP B 344 5.09 -20.58 16.51
C ASP B 344 6.37 -20.03 15.89
N TRP B 345 6.90 -20.69 14.87
CA TRP B 345 8.18 -20.31 14.27
C TRP B 345 8.02 -19.89 12.80
N ALA B 346 7.32 -18.79 12.57
CA ALA B 346 7.04 -18.34 11.20
C ALA B 346 8.17 -17.48 10.66
N PRO B 347 8.30 -17.39 9.33
CA PRO B 347 9.30 -16.49 8.77
C PRO B 347 8.99 -15.06 9.16
N SER B 348 10.02 -14.29 9.49
CA SER B 348 9.84 -12.88 9.79
C SER B 348 11.17 -12.14 9.78
N SER B 349 11.12 -10.86 10.16
CA SER B 349 12.29 -10.01 10.18
C SER B 349 13.29 -10.40 11.26
N THR B 350 12.88 -11.27 12.18
CA THR B 350 13.77 -11.68 13.27
C THR B 350 14.00 -13.19 13.36
N SER B 351 13.41 -13.95 12.45
CA SER B 351 13.56 -15.40 12.47
C SER B 351 15.00 -15.87 12.24
N SER B 352 15.38 -16.95 12.92
CA SER B 352 16.69 -17.55 12.71
C SER B 352 16.62 -18.63 11.62
N LEU B 353 15.40 -19.04 11.26
CA LEU B 353 15.19 -20.10 10.28
C LEU B 353 15.01 -19.58 8.86
N TRP B 354 14.80 -18.28 8.74
CA TRP B 354 14.53 -17.65 7.44
C TRP B 354 15.21 -16.30 7.30
N THR B 355 15.53 -15.92 6.06
CA THR B 355 15.90 -14.55 5.75
C THR B 355 14.88 -13.99 4.76
N ASN B 356 14.68 -12.67 4.82
CA ASN B 356 13.87 -11.95 3.86
C ASN B 356 14.58 -12.02 2.51
N ALA B 357 13.86 -12.43 1.47
CA ALA B 357 14.45 -12.52 0.13
C ALA B 357 13.57 -11.85 -0.93
N ASP B 358 12.91 -10.78 -0.55
CA ASP B 358 12.15 -9.99 -1.51
C ASP B 358 13.07 -9.50 -2.62
N PRO B 359 12.54 -9.39 -3.85
CA PRO B 359 13.34 -8.91 -4.99
C PRO B 359 13.52 -7.39 -5.00
N ALA B 360 13.71 -6.79 -3.84
CA ALA B 360 13.76 -5.33 -3.69
C ALA B 360 15.20 -4.82 -3.50
N THR B 361 15.37 -3.51 -3.54
CA THR B 361 16.70 -2.90 -3.44
C THR B 361 16.87 -1.96 -2.24
N ASN B 362 15.78 -1.52 -1.64
CA ASN B 362 15.86 -0.76 -0.38
C ASN B 362 16.40 -1.65 0.74
N TRP B 363 17.31 -1.12 1.55
CA TRP B 363 17.85 -1.87 2.67
C TRP B 363 16.73 -2.34 3.59
N THR B 364 16.83 -3.60 4.03
CA THR B 364 15.78 -4.25 4.79
C THR B 364 16.42 -5.19 5.82
N LEU B 365 15.75 -5.34 6.96
CA LEU B 365 16.24 -6.22 8.02
C LEU B 365 16.20 -7.70 7.63
N ASN B 366 17.20 -8.45 8.10
CA ASN B 366 17.23 -9.91 7.95
C ASN B 366 17.29 -10.38 6.51
N VAL B 367 18.03 -9.63 5.69
CA VAL B 367 18.28 -10.00 4.31
C VAL B 367 19.71 -10.49 4.20
N SER B 368 19.91 -11.58 3.46
CA SER B 368 21.25 -12.07 3.18
C SER B 368 21.83 -11.33 1.97
N TYR B 369 22.73 -10.38 2.19
CA TYR B 369 23.27 -9.54 1.12
C TYR B 369 24.56 -10.12 0.53
N GLU B 370 24.67 -10.07 -0.80
CA GLU B 370 25.86 -10.55 -1.49
C GLU B 370 26.77 -9.36 -1.81
N GLN B 371 28.07 -9.64 -1.94
CA GLN B 371 29.02 -8.60 -2.32
C GLN B 371 28.63 -8.04 -3.68
N GLY B 372 28.61 -6.72 -3.79
CA GLY B 372 28.24 -6.08 -5.04
C GLY B 372 26.78 -5.68 -5.13
N ASP B 373 25.97 -6.15 -4.19
CA ASP B 373 24.58 -5.69 -4.08
C ASP B 373 24.61 -4.19 -3.82
N ILE B 374 23.61 -3.48 -4.34
CA ILE B 374 23.49 -2.05 -4.07
C ILE B 374 22.15 -1.82 -3.40
N VAL B 375 22.17 -1.27 -2.19
CA VAL B 375 20.95 -1.00 -1.45
C VAL B 375 20.71 0.50 -1.30
N ASN B 376 19.44 0.88 -1.22
CA ASN B 376 19.08 2.27 -0.93
C ASN B 376 18.77 2.41 0.54
N TYR B 377 19.23 3.50 1.16
CA TYR B 377 18.90 3.76 2.55
C TYR B 377 18.91 5.26 2.89
N LYS B 378 17.80 5.75 3.41
CA LYS B 378 17.60 7.17 3.71
C LYS B 378 18.09 8.06 2.57
N GLY B 379 17.69 7.73 1.35
CA GLY B 379 17.95 8.57 0.20
C GLY B 379 19.32 8.43 -0.43
N LYS B 380 20.15 7.54 0.10
CA LYS B 380 21.49 7.33 -0.44
C LYS B 380 21.67 5.90 -0.91
N ARG B 381 22.63 5.68 -1.80
CA ARG B 381 22.93 4.36 -2.29
C ARG B 381 24.23 3.84 -1.66
N TYR B 382 24.25 2.54 -1.39
CA TYR B 382 25.38 1.88 -0.75
C TYR B 382 25.70 0.55 -1.44
N LEU B 383 26.98 0.35 -1.72
CA LEU B 383 27.49 -0.92 -2.20
C LEU B 383 27.75 -1.86 -1.03
N VAL B 384 27.31 -3.10 -1.15
CA VAL B 384 27.65 -4.09 -0.13
C VAL B 384 29.07 -4.59 -0.38
N SER B 385 29.96 -4.22 0.51
CA SER B 385 31.38 -4.54 0.40
C SER B 385 31.72 -5.84 1.09
N VAL B 386 31.03 -6.09 2.21
CA VAL B 386 31.18 -7.33 2.95
C VAL B 386 29.84 -8.03 2.97
N PRO B 387 29.76 -9.21 2.33
CA PRO B 387 28.46 -9.88 2.32
C PRO B 387 28.08 -10.28 3.74
N HIS B 388 26.80 -10.18 4.08
CA HIS B 388 26.36 -10.43 5.44
C HIS B 388 24.84 -10.44 5.51
N VAL B 389 24.32 -10.83 6.68
CA VAL B 389 22.89 -10.81 6.93
C VAL B 389 22.57 -9.56 7.75
N SER B 390 21.70 -8.72 7.21
CA SER B 390 21.44 -7.42 7.84
C SER B 390 20.77 -7.56 9.19
N GLN B 391 21.05 -6.60 10.07
CA GLN B 391 20.37 -6.52 11.36
C GLN B 391 20.19 -5.06 11.76
N GLN B 392 19.31 -4.81 12.73
CA GLN B 392 18.89 -3.45 13.08
C GLN B 392 20.06 -2.51 13.38
N ASP B 393 21.11 -3.05 13.99
CA ASP B 393 22.24 -2.23 14.42
C ASP B 393 23.25 -1.99 13.30
N TRP B 394 23.03 -2.61 12.14
CA TRP B 394 23.97 -2.51 11.04
C TRP B 394 23.39 -1.74 9.86
N THR B 395 22.76 -0.60 10.14
CA THR B 395 22.24 0.25 9.08
C THR B 395 23.40 0.80 8.23
N PRO B 396 23.21 0.92 6.92
CA PRO B 396 24.31 1.34 6.02
C PRO B 396 24.96 2.66 6.40
N ASP B 397 24.22 3.58 7.00
CA ASP B 397 24.77 4.88 7.38
C ASP B 397 25.67 4.80 8.62
N THR B 398 25.64 3.67 9.33
CA THR B 398 26.46 3.51 10.54
C THR B 398 27.53 2.44 10.40
N GLN B 399 27.59 1.80 9.24
CA GLN B 399 28.44 0.64 9.05
C GLN B 399 29.30 0.81 7.81
N ASN B 400 30.38 1.58 7.92
CA ASN B 400 31.19 1.88 6.75
C ASN B 400 32.26 0.84 6.44
N THR B 401 32.19 -0.32 7.10
CA THR B 401 32.96 -1.48 6.66
C THR B 401 32.09 -2.45 5.85
N LEU B 402 30.88 -2.73 6.35
CA LEU B 402 29.98 -3.60 5.60
C LEU B 402 29.55 -2.94 4.28
N PHE B 403 29.31 -1.63 4.32
CA PHE B 403 28.82 -0.89 3.16
C PHE B 403 29.76 0.26 2.75
N THR B 404 29.73 0.61 1.47
CA THR B 404 30.49 1.75 0.95
C THR B 404 29.53 2.69 0.26
N ALA B 405 29.44 3.93 0.74
CA ALA B 405 28.51 4.89 0.15
C ALA B 405 28.86 5.12 -1.31
N LEU B 406 27.85 5.27 -2.15
CA LEU B 406 28.04 5.56 -3.56
C LEU B 406 27.77 7.03 -3.83
N GLU B 407 28.56 7.63 -4.73
#